data_2HWF
#
_entry.id   2HWF
#
_cell.length_a   341.300
_cell.length_b   341.300
_cell.length_c   465.900
_cell.angle_alpha   90.00
_cell.angle_beta   90.00
_cell.angle_gamma   120.00
#
_symmetry.space_group_name_H-M   'P 63 2 2'
#
loop_
_entity.id
_entity.type
_entity.pdbx_description
1 polymer 'HUMAN RHINOVIRUS 1A COAT PROTEIN (SUBUNIT VP1)'
2 polymer 'HUMAN RHINOVIRUS 1A COAT PROTEIN (SUBUNIT VP2)'
3 polymer 'HUMAN RHINOVIRUS 1A COAT PROTEIN (SUBUNIT VP3)'
4 polymer 'HUMAN RHINOVIRUS 1A COAT PROTEIN (SUBUNIT VP4)'
5 non-polymer 3-METHOXY-6-[4-(3-METHYLPHENYL)-1-PIPERAZINYL]PYRIDAZINE
#
loop_
_entity_poly.entity_id
_entity_poly.type
_entity_poly.pdbx_seq_one_letter_code
_entity_poly.pdbx_strand_id
1 'polypeptide(L)'
;NPVENYIDEVLNEVLVVPNIKESHHTTSNSAPLLDAAETGHTSNVQPEDAIETRYVITSQTRDEMSIESFLGRSGCVHIS
RIKVDYTDYNGQDINFTKWKITLQEMAQIRRKFELFTYVRFDSEITLVPCIAGRGDDIGHIVMQYMYVPPGAPIPSKRND
FSWQSGTNMSIFWQHGQPFPRFSIPFLSIASAYYMFYDGYDGDNTSSKYGSVVTNDMGTICSRIVTEKQKLSVVITTHIY
HKAKHTKAWCPRPPRAVPYTHSHVTNYMPETGDVTTAIVRRNTITTA
;
1
2 'polypeptide(L)'
;SPSVEACGYSDRIMQITRGDSTISSDDVANAVVGYGVWPHYLTPQDATAINKPTQPDTSSNRFYTLESKHWNGSSKGWWW
KLPDALKDMGIFGENMYYHFLGRSGYTVHVQCNASKFHQGTLLVAMIPEHQLASAKHGSVTAGYKLTHPGEAGRDVSQER
DASLRQPSDDSWLNFDGTLLGNLLIFPHQFINLRSNNSATLIVPYVNAVPMDSMLRHNNWCLVIIPISPLRSETTSSNIV
PITVSISPMCAEFSGARAKNIKQ
;
2
3 'polypeptide(L)'
;GLPVYITPGSGQFMTTDDMQSPCALPWYHPTKEISIPGEVKNLIEMCQVDTLIPVNNVGNNVGNVSMYTVQLGNQTGMAQ
KVFSIKVDITSTPLATTLIGEIASYYTHWTGSLRFSFMFCGTANTTLKLLLAYTPPGIDEPTTRKDAMLGTHVVWDVGLQ
STISLVVPWVSASHFRLTADNKYSMAGYITCWYQTNLVVPPSTPQTADMLCFVSACKDFCLRMARDTDLHIQSGPIEQ
;
3
4 'polypeptide(L)' GAGVSRQNVGTHSTQNSVSNGSSLNYFNINYFKDAASSGASRLD 4
#
loop_
_chem_comp.id
_chem_comp.type
_chem_comp.name
_chem_comp.formula
JEN non-polymer 3-METHOXY-6-[4-(3-METHYLPHENYL)-1-PIPERAZINYL]PYRIDAZINE 'C16 H20 N4 O'
#
# COMPACT_ATOMS: atom_id res chain seq x y z
N ASN A 5 32.07 4.13 -8.18
CA ASN A 5 30.93 4.99 -7.72
C ASN A 5 30.48 5.79 -8.97
N TYR A 6 31.41 6.65 -9.39
CA TYR A 6 31.06 7.39 -10.60
C TYR A 6 30.38 6.48 -11.64
N ILE A 7 31.23 5.74 -12.28
CA ILE A 7 30.89 4.82 -13.38
C ILE A 7 29.60 4.12 -13.01
N ASP A 8 29.73 3.47 -11.84
CA ASP A 8 28.53 2.76 -11.31
C ASP A 8 27.27 3.60 -11.15
N GLU A 9 27.39 4.87 -10.87
CA GLU A 9 26.45 5.94 -10.67
C GLU A 9 26.13 6.82 -11.88
N VAL A 10 26.99 6.76 -12.87
CA VAL A 10 26.92 7.58 -14.10
C VAL A 10 26.46 6.67 -15.21
N LEU A 11 26.83 5.43 -14.90
CA LEU A 11 26.51 4.35 -15.86
C LEU A 11 25.19 3.70 -15.45
N ASN A 12 24.93 4.06 -14.19
CA ASN A 12 23.72 3.68 -13.45
C ASN A 12 23.72 2.15 -13.52
N GLU A 13 24.52 1.66 -12.59
CA GLU A 13 24.75 0.24 -12.38
C GLU A 13 24.94 -0.03 -10.90
N VAL A 14 24.28 0.79 -10.11
CA VAL A 14 24.39 0.67 -8.66
C VAL A 14 23.77 -0.60 -8.14
N LEU A 15 22.47 -0.81 -8.35
CA LEU A 15 21.70 -1.97 -7.90
C LEU A 15 21.55 -2.97 -9.03
N VAL A 16 22.47 -3.90 -9.13
CA VAL A 16 22.30 -4.85 -10.26
C VAL A 16 21.67 -6.15 -9.77
N VAL A 17 20.96 -6.77 -10.70
CA VAL A 17 20.23 -8.03 -10.50
C VAL A 17 21.17 -9.16 -10.90
N PRO A 18 21.06 -10.24 -10.19
CA PRO A 18 21.84 -11.46 -10.35
C PRO A 18 21.67 -12.07 -11.71
N ASN A 19 22.50 -13.04 -12.02
CA ASN A 19 22.29 -13.62 -13.37
C ASN A 19 21.67 -14.99 -13.12
N ILE A 20 21.28 -15.57 -14.20
CA ILE A 20 20.61 -16.82 -14.32
C ILE A 20 21.68 -17.80 -14.71
N LYS A 21 22.00 -18.59 -13.71
CA LYS A 21 22.98 -19.66 -13.89
C LYS A 21 22.46 -20.78 -14.80
N GLU A 22 23.29 -21.81 -14.93
CA GLU A 22 22.95 -22.97 -15.72
C GLU A 22 22.43 -24.09 -14.83
N SER A 23 21.51 -24.85 -15.39
CA SER A 23 20.98 -25.97 -14.63
C SER A 23 21.12 -27.23 -15.50
N HIS A 24 20.84 -28.25 -14.72
CA HIS A 24 20.81 -29.64 -15.16
C HIS A 24 19.51 -30.23 -14.57
N HIS A 25 19.27 -31.50 -14.95
CA HIS A 25 18.00 -32.11 -14.51
C HIS A 25 17.99 -32.61 -13.09
N THR A 26 16.82 -32.76 -12.54
CA THR A 26 16.84 -33.24 -11.15
C THR A 26 15.71 -34.23 -10.95
N THR A 27 16.19 -35.39 -10.61
CA THR A 27 15.32 -36.55 -10.35
C THR A 27 15.48 -36.79 -8.88
N SER A 28 15.37 -35.72 -8.11
CA SER A 28 15.56 -35.72 -6.66
C SER A 28 14.47 -35.25 -5.70
N ASN A 29 14.44 -35.95 -4.60
CA ASN A 29 13.61 -35.80 -3.43
C ASN A 29 13.08 -34.39 -3.15
N SER A 30 13.94 -33.54 -2.59
CA SER A 30 13.50 -32.16 -2.30
C SER A 30 13.03 -31.37 -3.54
N ALA A 31 11.76 -31.05 -3.37
CA ALA A 31 10.89 -30.31 -4.25
C ALA A 31 10.68 -28.86 -3.79
N PRO A 32 11.50 -28.02 -4.38
CA PRO A 32 11.55 -26.59 -4.09
C PRO A 32 10.27 -25.93 -4.62
N LEU A 33 9.67 -26.59 -5.59
CA LEU A 33 8.46 -25.99 -6.18
C LEU A 33 7.24 -26.08 -5.31
N LEU A 34 7.36 -26.81 -4.25
CA LEU A 34 6.28 -27.04 -3.28
C LEU A 34 6.43 -26.27 -2.00
N ASP A 35 5.69 -25.27 -1.69
CA ASP A 35 5.88 -24.56 -0.38
C ASP A 35 4.46 -24.25 0.06
N ALA A 36 4.16 -23.87 1.28
CA ALA A 36 2.80 -23.55 1.74
C ALA A 36 2.65 -22.09 2.14
N ALA A 37 2.28 -21.34 1.16
CA ALA A 37 1.98 -19.93 1.07
C ALA A 37 1.07 -19.33 2.16
N GLU A 38 0.58 -20.26 2.94
CA GLU A 38 -0.30 -19.99 4.08
C GLU A 38 0.52 -19.41 5.22
N THR A 39 1.81 -19.65 5.23
CA THR A 39 2.86 -19.25 6.18
C THR A 39 3.02 -17.74 6.10
N GLY A 40 2.31 -17.35 5.08
CA GLY A 40 2.20 -15.94 4.74
C GLY A 40 3.48 -15.52 4.08
N HIS A 41 4.51 -16.34 4.17
CA HIS A 41 5.77 -15.91 3.49
C HIS A 41 5.73 -15.99 1.96
N THR A 42 6.87 -15.56 1.40
CA THR A 42 6.85 -15.67 -0.07
C THR A 42 7.83 -16.75 -0.48
N SER A 43 7.37 -17.40 -1.56
CA SER A 43 8.16 -18.45 -2.16
C SER A 43 9.49 -17.73 -2.61
N ASN A 44 10.38 -18.67 -2.75
CA ASN A 44 11.75 -18.46 -3.18
C ASN A 44 12.02 -19.47 -4.28
N VAL A 45 11.46 -19.35 -5.45
CA VAL A 45 11.78 -20.45 -6.43
C VAL A 45 12.33 -19.64 -7.58
N GLN A 46 13.15 -20.29 -8.38
CA GLN A 46 13.72 -19.52 -9.50
C GLN A 46 13.71 -20.34 -10.77
N PRO A 47 14.15 -19.63 -11.77
CA PRO A 47 14.19 -20.23 -13.11
C PRO A 47 14.97 -21.53 -13.04
N GLU A 48 16.18 -21.34 -12.55
CA GLU A 48 17.15 -22.41 -12.38
C GLU A 48 16.54 -23.58 -11.64
N ASP A 49 15.61 -23.34 -10.75
CA ASP A 49 14.96 -24.44 -10.05
C ASP A 49 14.00 -25.37 -10.82
N ALA A 50 13.10 -24.74 -11.53
CA ALA A 50 12.01 -25.23 -12.32
C ALA A 50 12.34 -25.77 -13.70
N ILE A 51 13.36 -25.19 -14.30
CA ILE A 51 13.75 -25.59 -15.65
C ILE A 51 15.25 -25.84 -15.70
N GLU A 52 15.61 -26.17 -16.94
CA GLU A 52 17.00 -26.41 -17.30
C GLU A 52 17.38 -25.19 -18.10
N THR A 53 17.77 -24.24 -17.33
CA THR A 53 18.22 -22.88 -17.56
C THR A 53 19.55 -22.94 -18.29
N ARG A 54 20.07 -21.81 -18.70
CA ARG A 54 21.34 -21.77 -19.42
C ARG A 54 22.40 -21.00 -18.68
N TYR A 55 22.60 -19.77 -19.08
CA TYR A 55 23.62 -18.94 -18.44
C TYR A 55 23.54 -17.56 -19.06
N VAL A 56 22.97 -16.68 -18.23
CA VAL A 56 22.81 -15.34 -18.82
C VAL A 56 23.37 -14.40 -17.76
N ILE A 57 24.36 -13.65 -18.21
CA ILE A 57 25.00 -12.65 -17.35
C ILE A 57 24.09 -11.44 -17.54
N THR A 58 23.50 -10.99 -16.48
CA THR A 58 22.52 -9.88 -16.55
C THR A 58 23.13 -8.51 -16.68
N SER A 59 22.37 -7.46 -16.50
CA SER A 59 22.95 -6.07 -16.69
C SER A 59 21.86 -5.02 -16.63
N GLN A 60 20.97 -5.29 -15.69
CA GLN A 60 19.78 -4.46 -15.51
C GLN A 60 20.00 -4.02 -14.06
N THR A 61 19.76 -2.72 -14.04
CA THR A 61 19.89 -2.10 -12.72
C THR A 61 18.51 -1.84 -12.19
N ARG A 62 18.45 -1.84 -10.88
CA ARG A 62 17.18 -1.58 -10.18
C ARG A 62 17.35 -0.17 -9.64
N ASP A 63 18.10 0.59 -10.40
CA ASP A 63 18.34 2.00 -9.97
C ASP A 63 17.02 2.74 -10.08
N GLU A 64 16.46 2.82 -11.26
CA GLU A 64 15.17 3.53 -11.44
C GLU A 64 14.09 2.89 -10.61
N MET A 65 14.25 1.81 -9.88
CA MET A 65 13.25 1.17 -9.02
C MET A 65 13.52 1.46 -7.55
N SER A 66 13.84 2.67 -7.23
CA SER A 66 14.20 3.20 -5.96
C SER A 66 13.20 4.26 -5.55
N ILE A 67 12.85 4.08 -4.33
CA ILE A 67 11.92 5.06 -3.77
C ILE A 67 12.40 6.45 -4.18
N GLU A 68 13.59 6.69 -4.73
CA GLU A 68 13.86 8.13 -5.04
C GLU A 68 13.55 8.51 -6.47
N SER A 69 13.54 7.53 -7.37
CA SER A 69 13.25 7.81 -8.78
C SER A 69 11.80 7.44 -8.98
N PHE A 70 11.17 6.89 -7.95
CA PHE A 70 9.78 6.49 -8.01
C PHE A 70 9.10 7.74 -7.45
N LEU A 71 9.72 8.19 -6.39
CA LEU A 71 9.08 9.40 -5.83
C LEU A 71 9.66 10.65 -6.45
N GLY A 72 10.90 11.00 -6.40
CA GLY A 72 11.56 12.18 -6.91
C GLY A 72 11.31 12.69 -8.30
N ARG A 73 10.10 13.15 -8.57
CA ARG A 73 9.53 13.68 -9.82
C ARG A 73 8.48 14.75 -9.54
N SER A 74 8.61 15.95 -10.07
CA SER A 74 7.68 17.07 -9.87
C SER A 74 6.27 16.85 -10.39
N GLY A 75 5.25 17.18 -9.62
CA GLY A 75 3.85 16.99 -9.92
C GLY A 75 2.89 18.06 -9.42
N CYS A 76 1.99 18.47 -10.32
CA CYS A 76 1.00 19.53 -10.10
C CYS A 76 0.24 19.07 -8.87
N VAL A 77 0.15 19.95 -7.88
CA VAL A 77 -0.57 19.52 -6.65
C VAL A 77 -1.58 20.58 -6.25
N HIS A 78 -1.43 21.60 -7.12
CA HIS A 78 -2.25 22.80 -6.93
C HIS A 78 -1.99 23.82 -8.03
N ILE A 79 -3.12 24.42 -8.36
CA ILE A 79 -3.22 25.44 -9.40
C ILE A 79 -3.84 26.71 -8.86
N SER A 80 -3.11 27.52 -8.19
CA SER A 80 -3.60 28.83 -7.73
C SER A 80 -4.04 29.68 -8.94
N ARG A 81 -5.22 30.26 -8.72
CA ARG A 81 -5.93 31.11 -9.68
C ARG A 81 -6.36 32.42 -9.01
N ILE A 82 -6.25 33.50 -9.81
CA ILE A 82 -6.62 34.85 -9.45
C ILE A 82 -7.24 35.60 -10.66
N LYS A 83 -8.55 35.68 -10.59
CA LYS A 83 -9.28 36.42 -11.66
C LYS A 83 -9.29 37.82 -11.03
N VAL A 84 -8.31 38.59 -11.52
CA VAL A 84 -8.19 39.93 -10.91
C VAL A 84 -9.50 40.70 -11.13
N ASP A 85 -9.51 41.74 -10.32
CA ASP A 85 -10.56 42.76 -10.22
C ASP A 85 -9.91 44.14 -10.10
N TYR A 86 -10.48 45.15 -10.74
CA TYR A 86 -9.79 46.47 -10.59
C TYR A 86 -10.79 47.45 -9.97
N THR A 87 -12.02 46.97 -10.11
CA THR A 87 -13.22 47.64 -9.59
C THR A 87 -13.05 47.89 -8.07
N ASP A 88 -12.87 46.77 -7.37
CA ASP A 88 -12.64 46.74 -5.94
C ASP A 88 -11.30 45.99 -5.86
N TYR A 89 -10.42 46.79 -5.30
CA TYR A 89 -9.04 46.27 -5.08
C TYR A 89 -9.02 46.11 -3.57
N ASN A 90 -8.42 45.00 -3.20
CA ASN A 90 -8.39 44.89 -1.67
C ASN A 90 -9.77 44.30 -1.33
N GLY A 91 -10.59 44.98 -0.53
CA GLY A 91 -11.89 44.26 -0.26
C GLY A 91 -11.46 42.99 0.51
N GLN A 92 -12.52 42.26 1.00
CA GLN A 92 -12.11 41.17 1.90
C GLN A 92 -12.16 39.81 1.19
N ASP A 93 -11.00 39.17 1.18
CA ASP A 93 -10.86 37.84 0.56
C ASP A 93 -10.77 37.98 -0.96
N ILE A 94 -9.95 38.92 -1.43
CA ILE A 94 -9.86 39.18 -2.88
C ILE A 94 -8.48 39.52 -3.45
N ASN A 95 -8.33 39.02 -4.65
CA ASN A 95 -7.16 39.24 -5.50
C ASN A 95 -5.89 38.67 -4.89
N PHE A 96 -6.10 37.91 -3.86
CA PHE A 96 -5.05 37.19 -3.15
C PHE A 96 -5.60 35.82 -2.74
N THR A 97 -4.83 34.80 -3.05
CA THR A 97 -5.22 33.40 -2.79
C THR A 97 -4.57 32.86 -1.50
N LYS A 98 -5.17 31.77 -1.05
CA LYS A 98 -4.74 31.05 0.16
C LYS A 98 -5.30 29.62 0.14
N TRP A 99 -4.41 28.72 -0.24
CA TRP A 99 -4.73 27.28 -0.36
C TRP A 99 -4.01 26.51 0.76
N LYS A 100 -4.63 25.42 1.17
CA LYS A 100 -4.10 24.56 2.24
C LYS A 100 -3.09 23.57 1.67
N ILE A 101 -1.86 23.72 2.15
CA ILE A 101 -0.76 22.86 1.72
C ILE A 101 -1.01 21.45 2.14
N THR A 102 -0.65 20.62 1.22
CA THR A 102 -0.83 19.19 1.29
C THR A 102 -1.55 18.77 0.03
N LEU A 103 -1.16 17.63 -0.39
CA LEU A 103 -1.68 17.00 -1.58
C LEU A 103 -3.13 16.60 -1.34
N GLN A 104 -3.54 15.67 -2.16
CA GLN A 104 -4.92 15.15 -2.18
C GLN A 104 -5.71 15.96 -3.20
N GLU A 105 -5.59 17.27 -3.02
CA GLU A 105 -6.24 18.26 -3.88
C GLU A 105 -5.85 18.02 -5.34
N MET A 106 -5.08 16.96 -5.52
CA MET A 106 -4.58 16.55 -6.84
C MET A 106 -4.28 15.05 -6.84
N ALA A 107 -4.72 14.41 -7.92
CA ALA A 107 -4.55 12.97 -8.12
C ALA A 107 -3.11 12.65 -8.54
N GLN A 108 -3.01 11.59 -9.31
CA GLN A 108 -1.73 11.08 -9.85
C GLN A 108 -0.70 10.91 -8.73
N ILE A 109 -0.14 12.05 -8.33
CA ILE A 109 0.89 12.10 -7.28
C ILE A 109 0.39 11.49 -5.98
N ARG A 110 -0.80 11.91 -5.58
CA ARG A 110 -1.43 11.44 -4.34
C ARG A 110 -1.43 9.91 -4.27
N ARG A 111 -1.82 9.33 -5.39
CA ARG A 111 -1.93 7.87 -5.55
C ARG A 111 -0.56 7.20 -5.36
N LYS A 112 0.44 7.84 -5.92
CA LYS A 112 1.84 7.35 -5.88
C LYS A 112 2.27 7.04 -4.44
N PHE A 113 2.28 8.08 -3.62
CA PHE A 113 2.69 7.99 -2.21
C PHE A 113 1.96 6.87 -1.50
N GLU A 114 0.70 7.21 -1.31
CA GLU A 114 -0.32 6.36 -0.71
C GLU A 114 0.05 4.88 -0.81
N LEU A 115 1.01 4.55 -1.63
CA LEU A 115 1.56 3.23 -1.85
C LEU A 115 2.31 2.74 -0.58
N PHE A 116 2.55 3.69 0.31
CA PHE A 116 3.20 3.52 1.61
C PHE A 116 2.43 4.22 2.76
N THR A 117 2.56 3.63 3.94
CA THR A 117 1.96 4.13 5.16
C THR A 117 2.63 5.40 5.67
N TYR A 118 3.96 5.24 5.90
CA TYR A 118 4.69 6.42 6.35
C TYR A 118 5.71 6.82 5.30
N VAL A 119 6.47 7.64 5.61
CA VAL A 119 7.18 8.43 4.58
C VAL A 119 7.82 9.66 5.25
N ARG A 120 8.73 10.28 4.52
CA ARG A 120 9.47 11.46 5.02
C ARG A 120 10.34 12.00 3.90
N PHE A 121 10.50 13.32 3.85
CA PHE A 121 11.31 13.89 2.77
C PHE A 121 11.29 15.39 2.71
N ASP A 122 12.43 15.88 2.20
CA ASP A 122 12.62 17.29 1.88
C ASP A 122 11.93 17.53 0.55
N SER A 123 11.15 18.58 0.53
CA SER A 123 10.36 18.93 -0.65
C SER A 123 10.93 20.11 -1.40
N GLU A 124 11.13 19.85 -2.69
CA GLU A 124 11.60 20.83 -3.65
C GLU A 124 10.38 21.35 -4.38
N ILE A 125 10.37 22.64 -4.56
CA ILE A 125 9.25 23.32 -5.16
C ILE A 125 9.64 24.05 -6.43
N THR A 126 8.61 24.40 -7.16
CA THR A 126 8.71 25.11 -8.43
C THR A 126 7.36 25.74 -8.78
N LEU A 127 7.42 27.02 -9.08
CA LEU A 127 6.25 27.80 -9.46
C LEU A 127 6.28 28.00 -10.96
N VAL A 128 5.11 28.26 -11.47
CA VAL A 128 4.91 28.39 -12.90
C VAL A 128 3.79 29.37 -13.20
N PRO A 129 3.96 30.65 -12.87
CA PRO A 129 2.96 31.64 -13.17
C PRO A 129 2.73 31.69 -14.65
N CYS A 130 1.50 31.84 -14.95
CA CYS A 130 1.03 31.96 -16.31
C CYS A 130 0.05 33.12 -16.34
N ILE A 131 0.50 34.21 -16.93
CA ILE A 131 -0.29 35.44 -17.04
C ILE A 131 -1.07 35.45 -18.35
N ALA A 132 -2.40 35.25 -18.21
CA ALA A 132 -3.33 35.38 -19.32
C ALA A 132 -3.85 36.82 -19.37
N GLY A 133 -3.59 37.32 -20.58
CA GLY A 133 -3.90 38.68 -21.08
C GLY A 133 -5.35 38.68 -21.62
N ARG A 134 -6.10 39.44 -20.85
CA ARG A 134 -7.54 39.59 -21.13
C ARG A 134 -7.79 41.05 -21.51
N GLY A 135 -6.65 41.72 -21.51
CA GLY A 135 -6.50 43.14 -21.85
C GLY A 135 -5.59 43.24 -23.09
N ASP A 136 -5.45 44.45 -23.57
CA ASP A 136 -4.62 44.85 -24.69
C ASP A 136 -3.16 45.16 -24.26
N ASP A 137 -2.81 44.74 -23.05
CA ASP A 137 -1.44 44.96 -22.51
C ASP A 137 -1.42 44.77 -20.99
N ILE A 138 -0.53 43.87 -20.57
CA ILE A 138 -0.33 43.50 -19.14
C ILE A 138 0.90 44.23 -18.58
N GLY A 139 2.02 43.96 -19.23
CA GLY A 139 3.32 44.60 -18.94
C GLY A 139 4.06 43.94 -17.77
N HIS A 140 4.23 44.73 -16.75
CA HIS A 140 4.94 44.34 -15.55
C HIS A 140 3.95 44.05 -14.43
N ILE A 141 4.03 42.81 -14.00
CA ILE A 141 3.19 42.29 -12.92
C ILE A 141 4.03 41.48 -11.95
N VAL A 142 4.34 42.12 -10.85
CA VAL A 142 5.10 41.50 -9.76
C VAL A 142 4.17 40.55 -9.02
N MET A 143 4.78 39.56 -8.38
CA MET A 143 4.04 38.56 -7.63
C MET A 143 4.72 38.26 -6.30
N GLN A 144 3.89 37.92 -5.34
CA GLN A 144 4.36 37.60 -3.98
C GLN A 144 3.69 36.34 -3.45
N TYR A 145 4.49 35.30 -3.38
CA TYR A 145 4.09 34.01 -2.82
C TYR A 145 4.72 33.90 -1.45
N MET A 146 3.89 34.01 -0.45
CA MET A 146 4.36 33.98 0.92
C MET A 146 3.70 32.83 1.67
N TYR A 147 4.58 31.97 2.13
CA TYR A 147 4.23 30.79 2.92
C TYR A 147 3.84 31.23 4.32
N VAL A 148 3.06 30.41 4.98
CA VAL A 148 2.62 30.73 6.34
C VAL A 148 2.24 29.48 7.13
N PRO A 149 3.06 29.11 8.11
CA PRO A 149 2.78 27.98 8.97
C PRO A 149 1.51 28.22 9.74
N PRO A 150 1.22 27.42 10.77
CA PRO A 150 0.00 27.59 11.57
C PRO A 150 -0.02 28.96 12.21
N GLY A 151 -0.69 29.00 13.35
CA GLY A 151 -0.85 30.22 14.15
C GLY A 151 -0.03 31.36 13.54
N ALA A 152 -0.62 31.97 12.53
CA ALA A 152 0.01 33.07 11.80
C ALA A 152 -1.05 33.94 11.14
N PRO A 153 -0.82 35.27 11.08
CA PRO A 153 -1.77 36.16 10.45
C PRO A 153 -1.92 35.85 8.99
N ILE A 154 -3.06 35.29 8.63
CA ILE A 154 -3.36 35.02 7.22
C ILE A 154 -4.07 36.24 6.68
N PRO A 155 -3.61 36.81 5.57
CA PRO A 155 -4.19 38.03 5.07
C PRO A 155 -5.65 37.88 4.77
N SER A 156 -6.36 38.75 5.54
CA SER A 156 -7.79 39.05 5.41
C SER A 156 -8.11 39.46 3.98
N LYS A 157 -7.22 40.31 3.49
CA LYS A 157 -7.27 40.83 2.12
C LYS A 157 -5.92 41.46 1.74
N ARG A 158 -5.58 41.19 0.48
CA ARG A 158 -4.34 41.66 -0.19
C ARG A 158 -3.33 42.30 0.76
N ASN A 159 -3.51 43.59 0.88
CA ASN A 159 -2.64 44.47 1.67
C ASN A 159 -2.97 44.45 3.16
N ASP A 160 -2.64 43.38 3.84
CA ASP A 160 -2.87 43.31 5.29
C ASP A 160 -1.71 44.05 5.98
N PHE A 161 -0.84 43.30 6.57
CA PHE A 161 0.35 43.85 7.20
C PHE A 161 1.29 42.67 7.37
N SER A 162 0.66 41.57 7.01
CA SER A 162 1.26 40.24 6.98
C SER A 162 2.04 40.06 5.68
N TRP A 163 1.93 41.02 4.79
CA TRP A 163 2.65 40.92 3.53
C TRP A 163 3.96 41.71 3.69
N GLN A 164 4.34 41.95 4.93
CA GLN A 164 5.60 42.63 5.20
C GLN A 164 6.68 41.55 5.38
N SER A 165 6.21 40.37 5.81
CA SER A 165 7.03 39.15 6.01
C SER A 165 8.30 39.42 6.82
N GLY A 166 8.16 40.18 7.80
CA GLY A 166 9.25 40.61 8.67
C GLY A 166 9.98 39.37 9.20
N THR A 167 9.21 38.30 9.18
CA THR A 167 9.79 37.02 9.68
C THR A 167 9.17 35.80 9.04
N ASN A 168 8.76 35.87 7.80
CA ASN A 168 8.08 34.86 7.01
C ASN A 168 8.73 34.80 5.64
N MET A 169 8.32 33.76 4.93
CA MET A 169 8.96 33.69 3.61
C MET A 169 8.00 34.03 2.50
N SER A 170 8.52 34.94 1.69
CA SER A 170 7.82 35.49 0.52
C SER A 170 8.82 35.50 -0.62
N ILE A 171 8.46 34.80 -1.66
CA ILE A 171 9.28 34.71 -2.89
C ILE A 171 8.59 35.65 -3.88
N PHE A 172 9.41 36.35 -4.65
CA PHE A 172 8.90 37.38 -5.58
C PHE A 172 9.20 37.05 -7.01
N TRP A 173 8.27 37.14 -7.94
CA TRP A 173 8.62 36.79 -9.35
C TRP A 173 8.00 37.87 -10.22
N GLN A 174 8.85 38.37 -11.11
CA GLN A 174 8.43 39.44 -12.02
C GLN A 174 8.53 38.91 -13.44
N HIS A 175 7.46 39.10 -14.16
CA HIS A 175 7.36 38.69 -15.58
C HIS A 175 8.68 38.96 -16.29
N GLY A 176 9.25 37.84 -16.72
CA GLY A 176 10.53 37.80 -17.43
C GLY A 176 11.45 36.79 -16.73
N GLN A 177 11.84 37.16 -15.52
CA GLN A 177 12.72 36.34 -14.68
C GLN A 177 12.22 34.89 -14.66
N PRO A 178 13.13 33.91 -14.62
CA PRO A 178 12.76 32.50 -14.67
C PRO A 178 11.82 32.10 -13.53
N PHE A 179 11.43 30.82 -13.60
CA PHE A 179 10.50 30.17 -12.64
C PHE A 179 11.10 30.00 -11.25
N PRO A 180 10.51 30.58 -10.19
CA PRO A 180 11.01 30.37 -8.85
C PRO A 180 10.93 28.90 -8.51
N ARG A 181 11.88 28.44 -7.70
CA ARG A 181 11.96 27.02 -7.24
C ARG A 181 12.85 26.91 -5.98
N PHE A 182 12.22 26.65 -4.83
CA PHE A 182 12.95 26.60 -3.50
C PHE A 182 12.87 25.21 -2.79
N SER A 183 13.34 24.94 -1.58
CA SER A 183 13.15 23.56 -1.09
C SER A 183 12.69 23.52 0.29
N ILE A 184 12.80 22.40 0.85
CA ILE A 184 12.23 22.44 2.12
C ILE A 184 12.25 21.23 2.84
N PRO A 185 12.63 21.30 4.07
CA PRO A 185 12.89 20.15 4.74
C PRO A 185 11.79 19.37 4.95
N PHE A 186 12.24 18.44 5.67
CA PHE A 186 11.32 17.67 6.23
C PHE A 186 10.81 18.65 7.28
N LEU A 187 9.56 18.98 7.17
CA LEU A 187 8.90 19.89 8.11
C LEU A 187 8.32 19.09 9.26
N SER A 188 7.00 18.98 9.15
CA SER A 188 6.15 18.22 10.07
C SER A 188 6.38 18.62 11.52
N ILE A 189 6.80 17.60 12.21
CA ILE A 189 7.18 17.64 13.61
C ILE A 189 7.78 16.27 13.91
N ALA A 190 7.03 15.29 14.27
CA ALA A 190 7.70 14.04 14.53
C ALA A 190 8.07 13.29 13.25
N SER A 191 9.19 12.64 13.44
CA SER A 191 9.86 11.65 12.57
C SER A 191 9.48 11.60 11.05
N ALA A 192 8.19 11.49 10.73
CA ALA A 192 7.77 11.36 9.30
C ALA A 192 6.32 11.81 9.09
N TYR A 193 6.00 12.03 7.83
CA TYR A 193 4.67 12.46 7.38
C TYR A 193 3.70 11.28 7.38
N TYR A 194 2.62 11.45 8.12
CA TYR A 194 1.58 10.43 8.23
C TYR A 194 0.84 10.29 6.90
N MET A 195 1.13 9.19 6.23
CA MET A 195 0.53 8.87 4.92
C MET A 195 -0.90 8.36 5.10
N PHE A 196 -1.25 8.25 6.34
CA PHE A 196 -2.58 7.84 6.81
C PHE A 196 -2.58 8.00 8.32
N TYR A 197 -3.69 7.64 8.89
CA TYR A 197 -3.86 7.76 10.31
C TYR A 197 -5.16 7.08 10.71
N ASP A 198 -5.15 6.49 11.88
CA ASP A 198 -6.31 5.81 12.43
C ASP A 198 -6.59 6.37 13.82
N GLY A 199 -6.48 7.68 13.88
CA GLY A 199 -6.72 8.47 15.09
C GLY A 199 -7.68 9.61 14.77
N TYR A 200 -8.00 10.19 15.85
CA TYR A 200 -9.00 11.26 15.91
C TYR A 200 -8.52 12.46 16.73
N ASP A 201 -9.32 13.51 16.60
CA ASP A 201 -9.11 14.75 17.34
C ASP A 201 -9.28 14.52 18.85
N GLY A 202 -10.28 13.74 19.22
CA GLY A 202 -10.70 13.35 20.55
C GLY A 202 -11.87 12.37 20.63
N ASP A 203 -12.46 12.14 21.79
CA ASP A 203 -13.56 11.32 22.26
C ASP A 203 -14.96 11.84 21.89
N ASN A 204 -14.89 13.09 21.42
CA ASN A 204 -16.03 13.84 20.91
C ASN A 204 -16.43 13.01 19.63
N THR A 205 -17.69 12.63 19.86
CA THR A 205 -18.37 11.80 18.87
C THR A 205 -18.65 12.65 17.64
N SER A 206 -17.76 13.65 17.59
CA SER A 206 -17.92 14.65 16.50
C SER A 206 -16.50 15.11 16.18
N SER A 207 -15.57 14.26 16.65
CA SER A 207 -14.17 14.61 16.37
C SER A 207 -13.76 14.12 14.98
N LYS A 208 -12.68 14.72 14.53
CA LYS A 208 -12.07 14.46 13.23
C LYS A 208 -11.26 13.16 13.31
N TYR A 209 -11.20 12.47 12.18
CA TYR A 209 -10.47 11.20 12.07
C TYR A 209 -9.98 10.97 10.63
N GLY A 210 -8.67 11.11 10.47
CA GLY A 210 -8.02 10.92 9.16
C GLY A 210 -6.68 11.66 9.09
N SER A 211 -6.01 11.41 7.98
CA SER A 211 -4.70 12.01 7.67
C SER A 211 -4.87 13.48 7.31
N VAL A 212 -5.35 14.21 8.29
CA VAL A 212 -5.58 15.65 8.22
C VAL A 212 -5.47 16.21 9.64
N VAL A 213 -5.19 15.25 10.51
CA VAL A 213 -5.04 15.48 11.95
C VAL A 213 -3.57 15.66 12.31
N THR A 214 -2.74 14.92 11.60
CA THR A 214 -1.29 14.92 11.82
C THR A 214 -0.55 15.79 10.81
N ASN A 215 -1.31 16.45 9.94
CA ASN A 215 -0.71 17.29 8.90
C ASN A 215 -1.49 18.59 8.71
N ASP A 216 -0.91 19.64 9.25
CA ASP A 216 -1.44 21.01 9.17
C ASP A 216 -0.25 21.98 9.16
N MET A 217 0.53 21.83 8.10
CA MET A 217 1.75 22.61 7.87
C MET A 217 1.42 24.02 7.36
N GLY A 218 0.45 24.63 8.02
CA GLY A 218 -0.01 25.99 7.71
C GLY A 218 -0.45 26.09 6.25
N THR A 219 -0.70 27.33 5.86
CA THR A 219 -1.17 27.66 4.50
C THR A 219 -0.19 28.64 3.83
N ILE A 220 -0.35 28.73 2.53
CA ILE A 220 0.44 29.63 1.68
C ILE A 220 -0.49 30.60 0.96
N CYS A 221 -0.19 31.87 1.15
CA CYS A 221 -0.97 32.96 0.55
C CYS A 221 -0.19 33.62 -0.57
N SER A 222 -0.89 33.80 -1.67
CA SER A 222 -0.37 34.48 -2.85
C SER A 222 -0.73 35.94 -2.75
N ARG A 223 -0.64 36.61 -3.86
CA ARG A 223 -0.95 38.02 -3.93
C ARG A 223 -0.06 38.66 -4.97
N ILE A 224 -0.73 39.37 -5.82
CA ILE A 224 -0.10 40.07 -6.92
C ILE A 224 0.08 41.53 -6.57
N VAL A 225 1.31 41.83 -6.25
CA VAL A 225 1.72 43.17 -5.89
C VAL A 225 1.20 44.18 -6.95
N THR A 226 2.19 44.79 -7.60
CA THR A 226 2.06 45.85 -8.65
C THR A 226 0.85 46.79 -8.47
N GLU A 227 -0.15 46.40 -7.70
CA GLU A 227 -1.30 47.30 -7.44
C GLU A 227 -2.32 47.27 -8.60
N LYS A 228 -3.05 48.39 -8.71
CA LYS A 228 -4.11 48.58 -9.72
C LYS A 228 -3.51 48.80 -11.12
N GLN A 229 -4.19 48.21 -12.08
CA GLN A 229 -3.80 48.25 -13.51
C GLN A 229 -5.02 48.58 -14.38
N LYS A 230 -4.74 48.84 -15.65
CA LYS A 230 -5.79 49.17 -16.64
C LYS A 230 -6.38 47.86 -17.22
N LEU A 231 -5.65 47.32 -18.19
CA LEU A 231 -6.05 46.07 -18.86
C LEU A 231 -5.96 44.90 -17.87
N SER A 232 -7.07 44.19 -17.77
CA SER A 232 -7.24 43.05 -16.85
C SER A 232 -6.30 41.91 -17.20
N VAL A 233 -6.34 40.97 -16.26
CA VAL A 233 -5.60 39.73 -16.30
C VAL A 233 -6.23 38.70 -15.40
N VAL A 234 -5.69 37.54 -15.55
CA VAL A 234 -6.05 36.38 -14.77
C VAL A 234 -4.80 35.52 -14.71
N ILE A 235 -4.51 35.09 -13.52
CA ILE A 235 -3.32 34.31 -13.32
C ILE A 235 -3.63 32.95 -12.77
N THR A 236 -2.74 32.12 -13.16
CA THR A 236 -2.75 30.73 -12.82
C THR A 236 -1.30 30.30 -12.63
N THR A 237 -0.91 30.40 -11.37
CA THR A 237 0.43 30.03 -10.92
C THR A 237 0.38 28.57 -10.47
N HIS A 238 0.79 27.73 -11.39
CA HIS A 238 0.82 26.28 -11.19
C HIS A 238 1.78 25.92 -10.10
N ILE A 239 1.66 24.69 -9.65
CA ILE A 239 2.49 24.19 -8.59
C ILE A 239 2.86 22.74 -8.82
N TYR A 240 4.14 22.57 -8.68
CA TYR A 240 4.79 21.29 -8.82
C TYR A 240 5.57 21.02 -7.56
N HIS A 241 5.69 19.75 -7.27
CA HIS A 241 6.37 19.31 -6.07
C HIS A 241 7.16 18.05 -6.36
N LYS A 242 8.34 18.07 -5.80
CA LYS A 242 9.28 16.95 -5.91
C LYS A 242 9.83 16.59 -4.54
N ALA A 243 9.95 15.30 -4.36
CA ALA A 243 10.45 14.72 -3.12
C ALA A 243 11.90 14.26 -3.31
N LYS A 244 12.77 14.98 -2.64
CA LYS A 244 14.21 14.69 -2.66
C LYS A 244 14.65 14.32 -1.24
N HIS A 245 15.38 13.24 -1.18
CA HIS A 245 15.95 12.65 0.01
C HIS A 245 14.87 11.94 0.81
N THR A 246 14.11 11.18 0.07
CA THR A 246 12.98 10.41 0.63
C THR A 246 13.21 9.02 1.23
N LYS A 247 12.39 8.67 2.23
CA LYS A 247 12.34 7.37 2.87
C LYS A 247 11.58 6.13 3.15
N ALA A 248 11.37 4.83 3.12
CA ALA A 248 9.96 4.41 3.21
C ALA A 248 9.84 3.17 4.04
N TRP A 249 8.78 3.08 4.79
CA TRP A 249 8.31 2.11 5.73
C TRP A 249 6.91 1.56 5.48
N CYS A 250 5.67 1.67 6.03
CA CYS A 250 5.49 0.30 5.51
C CYS A 250 4.46 0.30 4.38
N PRO A 251 4.82 -0.35 3.25
CA PRO A 251 4.05 -0.31 2.02
C PRO A 251 2.69 -0.86 2.12
N ARG A 252 1.97 -0.58 1.07
CA ARG A 252 0.63 -0.99 1.06
C ARG A 252 0.02 -0.94 -0.35
N PRO A 253 -1.14 -1.59 -0.45
CA PRO A 253 -1.87 -1.70 -1.69
C PRO A 253 -2.24 -0.39 -2.28
N PRO A 254 -2.06 -0.26 -3.64
CA PRO A 254 -2.46 0.91 -4.41
C PRO A 254 -3.94 1.11 -4.36
N ARG A 255 -4.35 2.29 -4.87
CA ARG A 255 -5.75 2.80 -4.84
C ARG A 255 -6.43 2.73 -6.18
N ALA A 256 -7.30 1.76 -6.29
CA ALA A 256 -7.95 1.46 -7.56
C ALA A 256 -9.23 2.22 -7.81
N VAL A 257 -9.76 2.67 -6.70
CA VAL A 257 -11.01 3.37 -7.00
C VAL A 257 -10.76 4.88 -7.01
N PRO A 258 -11.38 5.63 -7.94
CA PRO A 258 -11.19 7.07 -8.03
C PRO A 258 -11.61 7.71 -6.74
N TYR A 259 -10.59 8.63 -6.27
CA TYR A 259 -10.94 9.17 -4.95
C TYR A 259 -12.19 10.02 -5.00
N THR A 260 -12.53 10.40 -3.81
CA THR A 260 -13.68 11.20 -3.46
C THR A 260 -13.34 12.65 -3.24
N HIS A 261 -13.43 12.85 -1.95
CA HIS A 261 -13.17 14.08 -1.22
C HIS A 261 -11.70 14.21 -0.94
N SER A 262 -11.34 15.47 -0.63
CA SER A 262 -9.99 15.62 -0.06
C SER A 262 -9.79 14.58 1.03
N HIS A 263 -8.78 14.78 1.84
CA HIS A 263 -8.51 13.86 2.93
C HIS A 263 -9.57 12.79 2.91
N VAL A 264 -9.26 11.69 3.53
CA VAL A 264 -10.19 10.58 3.60
C VAL A 264 -9.85 9.58 2.50
N THR A 265 -10.42 8.42 2.67
CA THR A 265 -10.21 7.27 1.79
C THR A 265 -11.44 6.98 0.92
N ASN A 266 -12.54 7.44 1.44
CA ASN A 266 -13.87 7.26 0.86
C ASN A 266 -13.87 7.00 -0.65
N TYR A 267 -14.74 6.09 -0.99
CA TYR A 267 -15.03 5.67 -2.37
C TYR A 267 -16.52 5.74 -2.54
N MET A 268 -17.01 6.40 -3.49
CA MET A 268 -18.48 6.31 -3.45
C MET A 268 -19.07 7.32 -4.41
N PRO A 269 -19.27 6.91 -5.65
CA PRO A 269 -19.77 7.78 -6.70
C PRO A 269 -21.18 8.21 -6.49
N GLU A 270 -21.55 9.16 -7.32
CA GLU A 270 -22.91 9.65 -7.44
C GLU A 270 -23.62 8.66 -8.42
N THR A 271 -23.84 7.47 -7.83
CA THR A 271 -24.45 6.18 -8.37
C THR A 271 -23.39 5.18 -8.83
N GLY A 272 -22.63 5.64 -9.81
CA GLY A 272 -21.54 4.89 -10.44
C GLY A 272 -21.27 3.60 -9.69
N ASP A 273 -22.39 2.97 -9.36
CA ASP A 273 -22.43 1.71 -8.62
C ASP A 273 -21.06 1.33 -8.10
N VAL A 274 -20.18 2.31 -8.26
CA VAL A 274 -18.73 2.23 -7.93
C VAL A 274 -18.03 1.60 -9.13
N THR A 275 -16.75 1.90 -9.25
CA THR A 275 -15.98 1.41 -10.40
C THR A 275 -14.48 1.42 -10.10
N THR A 276 -13.94 0.28 -10.70
CA THR A 276 -12.56 -0.17 -10.61
C THR A 276 -12.08 -0.55 -12.02
N ALA A 277 -10.75 -0.62 -12.08
CA ALA A 277 -10.06 -0.95 -13.33
C ALA A 277 -10.26 -2.37 -13.86
N ILE A 278 -10.65 -3.29 -13.00
CA ILE A 278 -10.83 -4.64 -13.52
C ILE A 278 -11.80 -4.76 -14.70
N VAL A 279 -11.32 -5.55 -15.66
CA VAL A 279 -12.11 -5.81 -16.91
C VAL A 279 -12.84 -7.14 -16.81
N ARG A 280 -13.91 -7.33 -17.56
CA ARG A 280 -14.69 -8.58 -17.51
C ARG A 280 -14.38 -9.50 -18.69
N ARG A 281 -14.40 -10.75 -18.29
CA ARG A 281 -14.10 -11.82 -19.28
C ARG A 281 -15.37 -12.62 -19.54
N ASN A 282 -15.42 -13.16 -20.77
CA ASN A 282 -16.59 -14.01 -21.12
C ASN A 282 -16.45 -15.34 -20.34
N THR A 283 -15.23 -15.83 -20.50
CA THR A 283 -14.79 -17.10 -19.94
C THR A 283 -13.36 -17.17 -19.45
N ILE A 284 -13.24 -17.94 -18.37
CA ILE A 284 -11.85 -18.10 -17.90
C ILE A 284 -11.06 -18.91 -18.91
N THR A 285 -11.70 -19.81 -19.60
CA THR A 285 -11.04 -20.67 -20.55
C THR A 285 -10.29 -19.98 -21.64
N THR A 286 -10.62 -18.79 -22.10
CA THR A 286 -9.79 -18.21 -23.18
C THR A 286 -9.41 -16.80 -22.78
N ALA A 287 -8.14 -16.46 -22.94
CA ALA A 287 -7.76 -15.11 -22.56
C ALA A 287 -7.63 -14.11 -23.71
N ASP B 11 9.08 -28.90 11.98
CA ASP B 11 7.91 -29.47 12.63
C ASP B 11 6.86 -28.34 12.81
N ARG B 12 5.60 -28.76 12.67
CA ARG B 12 4.56 -27.75 12.87
C ARG B 12 4.19 -27.45 14.34
N ILE B 13 4.09 -28.41 15.25
CA ILE B 13 3.70 -28.03 16.61
C ILE B 13 4.29 -26.75 17.17
N MET B 14 3.53 -25.98 17.92
CA MET B 14 4.12 -24.75 18.50
C MET B 14 3.65 -24.51 19.93
N GLN B 15 4.50 -23.89 20.68
CA GLN B 15 4.21 -23.58 22.08
C GLN B 15 4.48 -22.12 22.34
N ILE B 16 3.60 -21.42 23.01
CA ILE B 16 3.94 -20.00 23.22
C ILE B 16 3.63 -19.67 24.65
N THR B 17 4.49 -18.94 25.29
CA THR B 17 4.18 -18.61 26.72
C THR B 17 4.43 -17.12 26.83
N ARG B 18 3.39 -16.46 27.36
CA ARG B 18 3.37 -15.01 27.49
C ARG B 18 3.14 -14.48 28.89
N GLY B 19 2.20 -15.06 29.61
CA GLY B 19 2.10 -14.47 30.98
C GLY B 19 2.38 -15.69 31.88
N ASP B 20 1.31 -15.85 32.59
CA ASP B 20 0.82 -16.81 33.54
C ASP B 20 -0.04 -17.75 32.63
N SER B 21 -0.03 -17.36 31.39
CA SER B 21 -0.64 -17.95 30.23
C SER B 21 0.31 -18.53 29.17
N THR B 22 -0.13 -19.63 28.60
CA THR B 22 0.53 -20.40 27.55
C THR B 22 -0.54 -20.89 26.58
N ILE B 23 -0.23 -21.07 25.33
CA ILE B 23 -1.09 -21.54 24.26
C ILE B 23 -0.37 -22.65 23.50
N SER B 24 -1.10 -23.67 23.06
CA SER B 24 -0.41 -24.75 22.29
C SER B 24 -1.22 -24.91 21.02
N SER B 25 -0.60 -25.53 20.06
CA SER B 25 -1.06 -25.83 18.71
C SER B 25 -0.34 -27.01 18.03
N ASP B 26 -0.98 -28.16 18.05
CA ASP B 26 -0.48 -29.40 17.48
C ASP B 26 -0.32 -29.41 15.95
N ASP B 27 -0.54 -28.28 15.35
CA ASP B 27 -0.51 -28.03 13.89
C ASP B 27 -0.37 -26.55 13.58
N VAL B 28 0.37 -26.09 12.59
CA VAL B 28 0.54 -24.66 12.34
C VAL B 28 1.27 -24.43 10.98
N ALA B 29 1.22 -23.16 10.58
CA ALA B 29 1.87 -22.56 9.42
C ALA B 29 2.76 -21.46 10.09
N ASN B 30 3.97 -21.96 10.26
CA ASN B 30 5.06 -21.21 10.88
C ASN B 30 4.52 -20.19 11.86
N ALA B 31 4.94 -18.97 11.80
CA ALA B 31 4.60 -17.82 12.60
C ALA B 31 5.23 -16.70 11.76
N VAL B 32 4.76 -15.52 12.07
CA VAL B 32 5.27 -14.39 11.27
C VAL B 32 5.58 -13.24 12.19
N VAL B 33 6.69 -12.63 11.86
CA VAL B 33 7.14 -11.44 12.62
C VAL B 33 6.98 -10.28 11.64
N GLY B 34 6.15 -9.37 12.07
CA GLY B 34 5.79 -8.20 11.28
C GLY B 34 7.01 -7.36 10.97
N TYR B 35 7.33 -7.28 9.70
CA TYR B 35 8.42 -6.49 9.17
C TYR B 35 9.83 -6.87 9.62
N GLY B 36 9.81 -8.13 10.01
CA GLY B 36 10.89 -8.95 10.52
C GLY B 36 11.48 -8.30 11.78
N VAL B 37 10.67 -7.60 12.53
CA VAL B 37 11.19 -6.96 13.71
C VAL B 37 10.48 -7.52 14.94
N TRP B 38 11.27 -7.78 15.94
CA TRP B 38 10.69 -8.30 17.18
C TRP B 38 10.46 -7.09 18.10
N PRO B 39 9.28 -7.11 18.64
CA PRO B 39 8.75 -6.14 19.59
C PRO B 39 9.63 -6.09 20.83
N HIS B 40 9.87 -4.86 21.21
CA HIS B 40 10.68 -4.53 22.38
C HIS B 40 10.37 -3.12 22.87
N TYR B 41 11.03 -2.78 23.96
CA TYR B 41 10.91 -1.54 24.69
C TYR B 41 11.72 -0.43 24.05
N LEU B 42 11.16 0.73 24.22
CA LEU B 42 11.65 2.01 23.78
C LEU B 42 12.97 2.38 24.45
N THR B 43 13.78 2.89 23.57
CA THR B 43 15.13 3.39 23.66
C THR B 43 15.24 4.90 23.86
N PRO B 44 16.08 5.30 24.78
CA PRO B 44 16.39 6.69 25.14
C PRO B 44 16.94 7.53 23.99
N GLN B 45 16.90 6.95 22.81
CA GLN B 45 17.40 7.68 21.65
C GLN B 45 16.18 8.22 20.88
N ASP B 46 15.32 7.27 20.56
CA ASP B 46 14.13 7.62 19.79
C ASP B 46 13.09 8.21 20.74
N ALA B 47 13.31 8.09 22.01
CA ALA B 47 12.30 8.63 22.94
C ALA B 47 12.14 10.14 22.81
N THR B 48 11.14 10.60 23.56
CA THR B 48 10.78 12.01 23.66
C THR B 48 10.21 12.55 24.97
N ALA B 49 9.42 11.77 25.65
CA ALA B 49 8.72 12.03 26.91
C ALA B 49 9.67 12.30 28.04
N ILE B 50 9.42 12.49 29.31
CA ILE B 50 10.62 12.71 30.17
C ILE B 50 10.54 11.88 31.40
N ASN B 51 9.35 11.39 31.64
CA ASN B 51 9.00 10.60 32.82
C ASN B 51 9.40 9.14 32.60
N LYS B 52 9.51 8.44 33.70
CA LYS B 52 9.87 7.03 33.78
C LYS B 52 8.60 6.24 33.48
N PRO B 53 8.52 5.55 32.35
CA PRO B 53 7.39 4.72 31.98
C PRO B 53 7.10 3.57 32.95
N THR B 54 5.81 3.24 33.14
CA THR B 54 5.50 2.11 34.04
C THR B 54 5.49 0.94 33.05
N GLN B 55 6.20 -0.10 33.44
CA GLN B 55 6.17 -1.29 32.57
C GLN B 55 5.73 -2.54 33.32
N PRO B 56 4.42 -2.76 33.29
CA PRO B 56 3.77 -3.95 33.90
C PRO B 56 4.28 -5.08 33.00
N ASP B 57 4.80 -6.00 33.77
CA ASP B 57 5.44 -7.13 33.05
C ASP B 57 4.60 -8.34 33.27
N THR B 58 4.30 -9.20 32.33
CA THR B 58 3.55 -10.39 32.85
C THR B 58 2.12 -10.13 33.27
N SER B 59 1.93 -9.20 34.21
CA SER B 59 0.60 -8.89 34.74
C SER B 59 -0.21 -8.18 33.66
N SER B 60 0.58 -7.72 32.73
CA SER B 60 -0.04 -6.96 31.66
C SER B 60 0.10 -7.56 30.29
N ASN B 61 1.34 -7.78 29.98
CA ASN B 61 1.59 -8.34 28.60
C ASN B 61 1.58 -9.85 28.74
N ARG B 62 0.37 -10.36 28.69
CA ARG B 62 -0.11 -11.72 28.77
C ARG B 62 -1.17 -12.05 27.71
N PHE B 63 -1.49 -13.31 27.63
CA PHE B 63 -2.48 -13.86 26.69
C PHE B 63 -3.98 -13.82 26.93
N TYR B 64 -4.55 -12.68 26.61
CA TYR B 64 -5.96 -12.34 26.64
C TYR B 64 -6.66 -12.93 25.40
N THR B 65 -7.77 -13.55 25.69
CA THR B 65 -8.56 -14.15 24.59
C THR B 65 -9.86 -13.36 24.55
N LEU B 66 -10.33 -13.00 23.38
CA LEU B 66 -11.53 -12.22 23.12
C LEU B 66 -12.74 -13.17 23.10
N GLU B 67 -13.80 -12.57 22.59
CA GLU B 67 -15.13 -13.12 22.33
C GLU B 67 -15.04 -14.01 21.06
N SER B 68 -15.71 -15.15 20.99
CA SER B 68 -15.53 -15.98 19.79
C SER B 68 -16.61 -15.64 18.76
N LYS B 69 -16.32 -16.15 17.57
CA LYS B 69 -17.24 -15.93 16.45
C LYS B 69 -17.52 -17.16 15.62
N HIS B 70 -18.61 -17.18 14.88
CA HIS B 70 -19.08 -18.22 14.00
C HIS B 70 -18.59 -18.14 12.57
N TRP B 71 -18.18 -19.29 12.03
CA TRP B 71 -17.76 -19.14 10.59
C TRP B 71 -18.85 -19.77 9.73
N ASN B 72 -19.57 -18.84 9.08
CA ASN B 72 -20.69 -19.00 8.17
C ASN B 72 -20.40 -19.16 6.67
N GLY B 73 -21.43 -19.71 6.03
CA GLY B 73 -21.27 -19.88 4.54
C GLY B 73 -21.79 -18.57 3.89
N SER B 74 -22.16 -17.76 4.90
CA SER B 74 -22.73 -16.43 4.65
C SER B 74 -21.85 -15.43 5.38
N SER B 75 -20.80 -15.96 6.01
CA SER B 75 -19.94 -15.00 6.71
C SER B 75 -19.25 -14.21 5.63
N LYS B 76 -18.94 -12.97 5.97
CA LYS B 76 -18.30 -12.04 5.03
C LYS B 76 -16.93 -11.53 5.48
N GLY B 77 -16.77 -11.51 6.79
CA GLY B 77 -15.50 -11.05 7.37
C GLY B 77 -15.70 -10.24 8.63
N TRP B 78 -14.72 -10.24 9.50
CA TRP B 78 -14.76 -9.49 10.76
C TRP B 78 -13.40 -8.94 11.16
N TRP B 79 -13.30 -7.73 11.68
CA TRP B 79 -12.11 -7.04 12.15
C TRP B 79 -12.23 -6.59 13.62
N TRP B 80 -11.10 -6.44 14.25
CA TRP B 80 -10.81 -5.97 15.58
C TRP B 80 -9.63 -4.98 15.45
N LYS B 81 -9.72 -3.94 16.22
CA LYS B 81 -8.66 -2.92 16.23
C LYS B 81 -8.03 -3.09 17.62
N LEU B 82 -6.79 -3.48 17.54
CA LEU B 82 -5.95 -3.75 18.69
C LEU B 82 -5.78 -2.84 19.88
N PRO B 83 -5.36 -1.59 19.67
CA PRO B 83 -5.16 -0.76 20.91
C PRO B 83 -6.44 -0.76 21.73
N ASP B 84 -7.54 -0.95 21.06
CA ASP B 84 -8.93 -0.98 21.37
C ASP B 84 -9.50 -2.32 21.74
N ALA B 85 -9.13 -3.40 21.14
CA ALA B 85 -9.73 -4.70 21.46
C ALA B 85 -9.55 -4.98 22.93
N LEU B 86 -8.50 -4.49 23.57
CA LEU B 86 -8.29 -4.80 25.02
C LEU B 86 -8.57 -3.66 25.97
N LYS B 87 -9.49 -2.82 25.58
CA LYS B 87 -9.88 -1.66 26.40
C LYS B 87 -10.57 -2.22 27.61
N ASP B 88 -10.46 -3.49 27.95
CA ASP B 88 -11.20 -4.00 29.10
C ASP B 88 -10.51 -5.12 29.84
N MET B 89 -9.61 -5.63 29.04
CA MET B 89 -8.67 -6.71 29.43
C MET B 89 -7.90 -6.08 30.61
N GLY B 90 -8.09 -6.64 31.79
CA GLY B 90 -7.51 -6.26 33.07
C GLY B 90 -6.02 -5.92 33.08
N ILE B 91 -5.75 -4.83 33.78
CA ILE B 91 -4.42 -4.27 33.93
C ILE B 91 -4.12 -3.61 32.60
N PHE B 92 -3.55 -4.28 31.67
CA PHE B 92 -3.26 -3.54 30.42
C PHE B 92 -4.32 -2.45 30.18
N GLY B 93 -5.53 -2.93 30.05
CA GLY B 93 -6.68 -2.07 29.75
C GLY B 93 -7.16 -1.11 30.81
N GLU B 94 -6.35 -0.79 31.76
CA GLU B 94 -6.64 0.10 32.86
C GLU B 94 -5.57 1.17 32.84
N ASN B 95 -4.42 0.67 32.55
CA ASN B 95 -3.15 1.38 32.44
C ASN B 95 -3.27 2.24 31.18
N MET B 96 -4.31 1.88 30.49
CA MET B 96 -4.51 2.51 29.19
C MET B 96 -5.19 3.84 29.33
N TYR B 97 -6.05 3.70 30.30
CA TYR B 97 -7.00 4.73 30.72
C TYR B 97 -6.50 5.68 31.75
N TYR B 98 -5.45 5.29 32.41
CA TYR B 98 -4.81 6.06 33.47
C TYR B 98 -3.64 6.91 32.99
N HIS B 99 -3.19 6.54 31.81
CA HIS B 99 -2.05 7.15 31.13
C HIS B 99 -2.40 7.74 29.79
N PHE B 100 -1.61 8.73 29.46
CA PHE B 100 -1.77 9.43 28.16
C PHE B 100 -1.02 8.61 27.12
N LEU B 101 0.27 8.49 27.35
CA LEU B 101 1.12 7.71 26.45
C LEU B 101 1.12 6.24 26.87
N GLY B 102 0.94 5.47 25.80
CA GLY B 102 0.92 4.01 25.83
C GLY B 102 1.65 3.59 24.54
N ARG B 103 2.38 2.53 24.69
CA ARG B 103 3.12 1.91 23.59
C ARG B 103 3.17 0.41 23.95
N SER B 104 3.03 -0.41 22.92
CA SER B 104 3.04 -1.85 23.03
C SER B 104 2.92 -2.58 21.70
N GLY B 105 3.51 -3.74 21.69
CA GLY B 105 3.47 -4.67 20.55
C GLY B 105 2.62 -5.89 20.98
N TYR B 106 2.20 -6.67 20.02
CA TYR B 106 1.39 -7.85 20.20
C TYR B 106 1.78 -9.11 19.46
N THR B 107 1.14 -10.20 19.76
CA THR B 107 1.10 -11.58 19.36
C THR B 107 -0.37 -11.94 19.12
N VAL B 108 -0.68 -12.39 17.94
CA VAL B 108 -2.06 -12.73 17.61
C VAL B 108 -2.20 -14.21 17.38
N HIS B 109 -2.89 -14.93 18.24
CA HIS B 109 -3.11 -16.35 18.00
C HIS B 109 -4.55 -16.54 17.53
N VAL B 110 -4.65 -16.89 16.26
CA VAL B 110 -5.97 -17.12 15.64
C VAL B 110 -6.23 -18.62 15.52
N GLN B 111 -7.12 -19.13 16.31
CA GLN B 111 -7.53 -20.55 16.37
C GLN B 111 -8.85 -20.73 15.64
N CYS B 112 -9.01 -21.78 14.85
CA CYS B 112 -10.22 -22.08 14.08
C CYS B 112 -10.12 -23.53 13.61
N ASN B 113 -10.60 -24.47 14.37
CA ASN B 113 -10.46 -25.85 13.87
C ASN B 113 -11.85 -26.31 13.45
N ALA B 114 -11.83 -27.43 12.81
CA ALA B 114 -12.99 -28.14 12.25
C ALA B 114 -12.30 -29.45 11.92
N SER B 115 -12.81 -30.27 11.08
CA SER B 115 -12.19 -31.54 10.68
C SER B 115 -11.47 -31.54 9.34
N LYS B 116 -10.84 -32.68 9.09
CA LYS B 116 -10.18 -32.92 7.80
C LYS B 116 -11.26 -33.23 6.73
N PHE B 117 -12.50 -33.02 7.07
CA PHE B 117 -13.55 -33.33 6.07
C PHE B 117 -14.27 -32.04 5.68
N HIS B 118 -13.76 -30.97 6.24
CA HIS B 118 -14.15 -29.59 6.05
C HIS B 118 -13.23 -28.96 5.01
N GLN B 119 -13.69 -27.87 4.45
CA GLN B 119 -12.93 -27.14 3.40
C GLN B 119 -13.25 -25.70 3.73
N GLY B 120 -12.28 -24.86 3.80
CA GLY B 120 -12.41 -23.43 4.14
C GLY B 120 -11.01 -22.81 4.11
N THR B 121 -10.99 -21.51 3.99
CA THR B 121 -9.82 -20.67 3.94
C THR B 121 -10.00 -19.28 4.51
N LEU B 122 -9.21 -18.97 5.53
CA LEU B 122 -9.28 -17.63 6.13
C LEU B 122 -7.98 -16.86 5.91
N LEU B 123 -8.13 -15.62 5.50
CA LEU B 123 -6.96 -14.77 5.29
C LEU B 123 -6.88 -13.88 6.53
N VAL B 124 -5.77 -13.91 7.21
CA VAL B 124 -5.57 -13.10 8.41
C VAL B 124 -4.51 -12.08 8.10
N ALA B 125 -4.66 -10.86 8.51
CA ALA B 125 -3.70 -9.80 8.23
C ALA B 125 -3.73 -8.67 9.25
N MET B 126 -2.62 -8.06 9.51
CA MET B 126 -2.58 -6.94 10.45
C MET B 126 -2.33 -5.73 9.57
N ILE B 127 -2.66 -4.54 9.96
CA ILE B 127 -2.42 -3.44 9.07
C ILE B 127 -2.06 -2.17 9.79
N PRO B 128 -0.93 -1.60 9.49
CA PRO B 128 -0.58 -0.31 10.14
C PRO B 128 -1.57 0.71 9.63
N GLU B 129 -1.94 1.70 10.38
CA GLU B 129 -2.89 2.78 10.10
C GLU B 129 -3.93 2.41 9.05
N HIS B 130 -5.02 1.78 9.49
CA HIS B 130 -6.10 1.28 8.66
C HIS B 130 -7.27 2.25 8.60
N GLN B 131 -6.99 3.39 8.01
CA GLN B 131 -8.03 4.44 7.87
C GLN B 131 -9.15 3.87 7.00
N LEU B 132 -10.27 3.51 7.63
CA LEU B 132 -11.44 2.97 6.93
C LEU B 132 -12.16 4.15 6.26
N ALA B 133 -12.99 3.72 5.32
CA ALA B 133 -13.80 4.62 4.50
C ALA B 133 -15.27 4.50 4.92
N SER B 134 -15.95 5.65 4.74
CA SER B 134 -17.40 5.60 5.06
C SER B 134 -18.10 5.13 3.77
N ALA B 135 -19.10 4.37 4.19
CA ALA B 135 -20.08 3.69 3.35
C ALA B 135 -20.96 4.61 2.51
N LYS B 136 -20.96 5.84 2.99
CA LYS B 136 -21.72 6.95 2.41
C LYS B 136 -20.79 7.91 1.69
N HIS B 137 -21.24 8.33 0.52
CA HIS B 137 -20.36 9.29 -0.20
C HIS B 137 -20.25 10.60 0.57
N GLY B 138 -19.13 11.31 0.47
CA GLY B 138 -18.96 12.61 1.14
C GLY B 138 -17.60 12.70 1.78
N SER B 139 -17.51 13.61 2.72
CA SER B 139 -16.28 13.92 3.46
C SER B 139 -16.44 13.58 4.92
N VAL B 140 -17.48 12.81 5.17
CA VAL B 140 -17.80 12.43 6.59
C VAL B 140 -17.05 11.13 6.86
N THR B 141 -16.23 11.25 7.87
CA THR B 141 -15.35 10.14 8.23
C THR B 141 -16.05 9.20 9.16
N ALA B 142 -15.57 7.97 9.18
CA ALA B 142 -16.23 7.02 10.12
C ALA B 142 -16.23 7.67 11.50
N GLY B 143 -17.19 7.33 12.32
CA GLY B 143 -17.38 7.78 13.72
C GLY B 143 -16.40 7.07 14.69
N TYR B 144 -16.24 7.65 15.87
CA TYR B 144 -15.28 7.10 16.87
C TYR B 144 -15.85 5.75 17.24
N LYS B 145 -16.85 5.85 18.06
CA LYS B 145 -17.68 4.87 18.68
C LYS B 145 -17.94 3.63 17.81
N LEU B 146 -17.62 3.74 16.50
CA LEU B 146 -17.86 2.57 15.65
C LEU B 146 -16.51 1.99 15.18
N THR B 147 -15.42 2.65 15.47
CA THR B 147 -14.13 2.06 15.06
C THR B 147 -13.48 1.63 16.39
N HIS B 148 -14.37 1.64 17.37
CA HIS B 148 -13.97 1.31 18.73
C HIS B 148 -14.84 0.26 19.38
N PRO B 149 -15.11 -0.75 18.57
CA PRO B 149 -15.90 -1.92 19.00
C PRO B 149 -15.34 -2.61 20.24
N GLY B 150 -14.17 -3.23 20.35
CA GLY B 150 -13.80 -3.82 21.67
C GLY B 150 -13.59 -5.29 21.38
N GLU B 151 -13.58 -6.11 22.40
CA GLU B 151 -13.36 -7.55 22.19
C GLU B 151 -14.20 -8.08 21.05
N ALA B 152 -15.44 -7.70 21.12
CA ALA B 152 -16.46 -8.03 20.14
C ALA B 152 -16.15 -7.84 18.67
N GLY B 153 -15.27 -6.95 18.29
CA GLY B 153 -14.94 -6.72 16.89
C GLY B 153 -16.09 -6.11 16.11
N ARG B 154 -16.02 -6.06 14.79
CA ARG B 154 -17.01 -5.49 13.89
C ARG B 154 -17.15 -6.38 12.67
N ASP B 155 -18.19 -6.22 11.92
CA ASP B 155 -18.87 -6.64 10.73
C ASP B 155 -19.73 -7.89 10.97
N VAL B 156 -19.14 -8.99 10.62
CA VAL B 156 -19.78 -10.32 10.76
C VAL B 156 -20.48 -10.63 9.41
N SER B 157 -21.27 -9.63 9.13
CA SER B 157 -22.20 -9.29 8.10
C SER B 157 -23.43 -8.81 8.89
N GLN B 158 -23.18 -7.57 9.31
CA GLN B 158 -24.27 -7.03 10.12
C GLN B 158 -24.87 -5.79 9.50
N GLU B 159 -26.01 -5.56 10.08
CA GLU B 159 -26.98 -4.51 9.90
C GLU B 159 -26.84 -3.40 10.95
N ARG B 160 -27.08 -2.19 10.37
CA ARG B 160 -26.98 -1.00 11.27
C ARG B 160 -27.47 0.34 10.79
N ASP B 161 -27.62 1.35 11.67
CA ASP B 161 -28.10 2.71 11.33
C ASP B 161 -27.18 3.37 10.30
N ALA B 162 -27.91 3.94 9.37
CA ALA B 162 -27.07 4.59 8.29
C ALA B 162 -26.91 6.06 8.63
N SER B 163 -27.47 6.33 9.83
CA SER B 163 -27.38 7.70 10.37
C SER B 163 -25.96 7.96 10.98
N LEU B 164 -25.43 6.76 11.34
CA LEU B 164 -24.10 6.77 11.94
C LEU B 164 -23.10 6.86 10.78
N ARG B 165 -22.13 7.71 11.14
CA ARG B 165 -20.97 8.01 10.27
C ARG B 165 -20.19 6.68 10.41
N GLN B 166 -20.76 5.71 9.77
CA GLN B 166 -20.51 4.30 9.63
C GLN B 166 -19.56 3.97 8.52
N PRO B 167 -18.62 3.10 8.85
CA PRO B 167 -17.61 2.69 7.88
C PRO B 167 -18.26 1.74 6.89
N SER B 168 -17.40 1.32 6.02
CA SER B 168 -17.62 0.37 4.93
C SER B 168 -17.38 -1.04 5.48
N ASP B 169 -18.48 -1.75 5.46
CA ASP B 169 -18.81 -3.13 5.81
C ASP B 169 -18.37 -3.97 4.57
N ASP B 170 -17.96 -3.15 3.58
CA ASP B 170 -17.42 -3.55 2.27
C ASP B 170 -16.04 -4.25 2.38
N SER B 171 -15.97 -5.51 2.02
CA SER B 171 -14.68 -6.23 2.16
C SER B 171 -13.66 -6.16 1.04
N TRP B 172 -13.99 -6.58 -0.16
CA TRP B 172 -13.22 -6.66 -1.39
C TRP B 172 -12.42 -5.42 -1.72
N LEU B 173 -12.85 -4.33 -1.13
CA LEU B 173 -12.19 -3.04 -1.36
C LEU B 173 -11.26 -2.79 -0.19
N ASN B 174 -11.29 -3.74 0.73
CA ASN B 174 -10.39 -3.63 1.90
C ASN B 174 -10.96 -2.61 2.87
N PHE B 175 -12.14 -2.13 2.69
CA PHE B 175 -12.71 -1.16 3.65
C PHE B 175 -12.05 0.20 3.55
N ASP B 176 -10.97 0.18 2.81
CA ASP B 176 -10.15 1.36 2.57
C ASP B 176 -10.15 1.52 1.07
N GLY B 177 -10.65 0.60 0.29
CA GLY B 177 -10.62 0.86 -1.17
C GLY B 177 -9.29 0.73 -1.87
N THR B 178 -8.84 -0.50 -1.77
CA THR B 178 -7.62 -1.12 -2.24
C THR B 178 -7.96 -2.59 -2.50
N LEU B 179 -8.02 -3.06 -3.72
CA LEU B 179 -8.38 -4.47 -3.98
C LEU B 179 -7.75 -5.46 -2.99
N LEU B 180 -8.59 -5.97 -2.10
CA LEU B 180 -8.19 -6.98 -1.11
C LEU B 180 -7.39 -7.99 -1.95
N GLY B 181 -6.25 -8.48 -1.61
CA GLY B 181 -5.61 -9.44 -2.54
C GLY B 181 -4.24 -8.84 -2.80
N ASN B 182 -4.18 -7.59 -2.41
CA ASN B 182 -2.92 -6.81 -2.53
C ASN B 182 -2.62 -6.55 -1.03
N LEU B 183 -3.58 -7.08 -0.31
CA LEU B 183 -3.64 -6.98 1.13
C LEU B 183 -2.51 -7.85 1.62
N LEU B 184 -2.08 -8.73 0.76
CA LEU B 184 -0.99 -9.66 1.08
C LEU B 184 0.31 -8.98 1.38
N ILE B 185 0.32 -7.69 1.18
CA ILE B 185 1.44 -6.78 1.42
C ILE B 185 1.56 -6.53 2.90
N PHE B 186 0.44 -6.58 3.59
CA PHE B 186 0.43 -6.38 5.04
C PHE B 186 0.84 -7.74 5.57
N PRO B 187 1.35 -7.71 6.79
CA PRO B 187 1.82 -8.97 7.46
C PRO B 187 0.61 -9.87 7.51
N HIS B 188 0.73 -11.11 7.05
CA HIS B 188 -0.37 -12.06 7.02
C HIS B 188 -0.05 -13.54 6.93
N GLN B 189 -1.10 -14.31 6.78
CA GLN B 189 -1.13 -15.76 6.64
C GLN B 189 -2.61 -16.15 6.55
N PHE B 190 -2.83 -17.36 6.15
CA PHE B 190 -4.16 -17.93 5.98
C PHE B 190 -4.29 -19.09 6.99
N ILE B 191 -5.52 -19.59 6.94
CA ILE B 191 -5.95 -20.72 7.73
C ILE B 191 -6.71 -21.68 6.80
N ASN B 192 -5.97 -22.41 6.02
CA ASN B 192 -6.50 -23.42 5.08
C ASN B 192 -6.75 -24.68 5.92
N LEU B 193 -8.01 -24.84 6.27
CA LEU B 193 -8.47 -25.94 7.10
C LEU B 193 -7.94 -27.31 6.75
N ARG B 194 -7.20 -27.42 5.67
CA ARG B 194 -6.69 -28.72 5.20
C ARG B 194 -5.25 -28.96 5.60
N SER B 195 -4.66 -27.91 6.14
CA SER B 195 -3.25 -28.03 6.57
C SER B 195 -3.09 -27.32 7.90
N ASN B 196 -3.55 -26.10 7.91
CA ASN B 196 -3.55 -25.18 9.04
C ASN B 196 -4.51 -25.47 10.20
N ASN B 197 -4.37 -24.70 11.27
CA ASN B 197 -5.22 -24.84 12.46
C ASN B 197 -5.47 -23.50 13.12
N SER B 198 -4.45 -22.69 13.04
CA SER B 198 -4.24 -21.37 13.52
C SER B 198 -3.46 -20.50 12.53
N ALA B 199 -3.13 -19.36 13.06
CA ALA B 199 -2.35 -18.33 12.41
C ALA B 199 -1.77 -17.54 13.59
N THR B 200 -0.48 -17.33 13.39
CA THR B 200 0.26 -16.58 14.42
C THR B 200 1.04 -15.39 13.88
N LEU B 201 0.61 -14.23 14.26
CA LEU B 201 1.19 -12.95 13.92
C LEU B 201 1.77 -12.40 15.22
N ILE B 202 2.94 -11.84 15.14
CA ILE B 202 3.75 -11.20 16.17
C ILE B 202 4.05 -9.84 15.54
N VAL B 203 3.93 -8.78 16.29
CA VAL B 203 4.16 -7.49 15.61
C VAL B 203 4.69 -6.38 16.49
N PRO B 204 5.78 -5.74 16.09
CA PRO B 204 6.37 -4.64 16.85
C PRO B 204 5.49 -3.40 16.80
N TYR B 205 5.95 -2.31 17.35
CA TYR B 205 5.25 -1.02 17.43
C TYR B 205 5.56 -0.10 16.26
N VAL B 206 4.64 0.07 15.33
CA VAL B 206 4.96 0.96 14.18
C VAL B 206 4.13 2.22 14.26
N ASN B 207 4.80 3.37 14.21
CA ASN B 207 4.19 4.71 14.27
C ASN B 207 5.13 5.90 14.21
N ALA B 208 5.01 6.95 13.43
CA ALA B 208 5.96 8.07 13.46
C ALA B 208 6.26 8.69 14.82
N VAL B 209 5.73 8.20 15.89
CA VAL B 209 5.94 8.70 17.25
C VAL B 209 6.19 7.55 18.24
N PRO B 210 7.16 7.82 19.09
CA PRO B 210 7.67 6.95 20.13
C PRO B 210 6.67 6.31 21.05
N MET B 211 5.58 7.00 21.29
CA MET B 211 4.48 6.53 22.16
C MET B 211 3.27 7.38 21.77
N ASP B 212 2.20 6.73 21.39
CA ASP B 212 0.99 7.48 20.99
C ASP B 212 -0.02 7.29 22.12
N SER B 213 -1.18 7.86 21.88
CA SER B 213 -2.42 7.89 22.67
C SER B 213 -3.10 6.55 22.47
N MET B 214 -3.20 5.82 23.56
CA MET B 214 -3.81 4.48 23.38
C MET B 214 -5.29 4.60 23.09
N LEU B 215 -5.82 5.81 23.30
CA LEU B 215 -7.25 5.99 23.11
C LEU B 215 -7.59 6.57 21.75
N ARG B 216 -6.93 7.60 21.33
CA ARG B 216 -7.31 8.21 20.06
C ARG B 216 -6.84 7.51 18.81
N HIS B 217 -5.75 6.84 19.05
CA HIS B 217 -5.09 6.15 17.97
C HIS B 217 -4.87 4.68 18.15
N ASN B 218 -5.35 3.93 17.20
CA ASN B 218 -5.24 2.47 17.12
C ASN B 218 -4.18 2.30 16.03
N ASN B 219 -3.01 1.79 16.36
CA ASN B 219 -1.87 1.62 15.41
C ASN B 219 -2.09 0.40 14.51
N TRP B 220 -2.38 -0.71 15.18
CA TRP B 220 -2.67 -1.98 14.53
C TRP B 220 -4.20 -2.21 14.62
N CYS B 221 -4.53 -2.70 13.46
CA CYS B 221 -5.79 -3.17 12.89
C CYS B 221 -5.57 -4.55 12.27
N LEU B 222 -6.41 -5.47 12.69
CA LEU B 222 -6.42 -6.87 12.28
C LEU B 222 -7.70 -7.26 11.58
N VAL B 223 -7.49 -7.98 10.51
CA VAL B 223 -8.59 -8.42 9.66
C VAL B 223 -8.58 -9.91 9.40
N ILE B 224 -9.71 -10.56 9.42
CA ILE B 224 -9.74 -11.99 9.09
C ILE B 224 -10.83 -12.10 8.05
N ILE B 225 -10.55 -12.63 6.89
CA ILE B 225 -11.53 -12.72 5.81
C ILE B 225 -11.64 -14.09 5.12
N PRO B 226 -12.86 -14.59 5.19
CA PRO B 226 -13.15 -15.90 4.58
C PRO B 226 -12.91 -15.67 3.10
N ILE B 227 -12.04 -16.50 2.54
CA ILE B 227 -11.73 -16.40 1.13
C ILE B 227 -12.52 -17.56 0.50
N SER B 228 -12.12 -18.77 0.85
CA SER B 228 -12.92 -19.84 0.25
C SER B 228 -13.84 -20.24 1.40
N PRO B 229 -15.13 -20.09 1.10
CA PRO B 229 -16.26 -20.41 1.97
C PRO B 229 -16.23 -21.83 2.58
N LEU B 230 -16.59 -21.79 3.86
CA LEU B 230 -16.61 -23.04 4.65
C LEU B 230 -17.50 -24.08 3.99
N ARG B 231 -17.06 -25.31 3.77
CA ARG B 231 -17.93 -26.31 3.12
C ARG B 231 -17.76 -27.69 3.72
N SER B 232 -18.74 -28.15 4.47
CA SER B 232 -18.78 -29.48 5.10
C SER B 232 -19.99 -30.15 4.41
N GLU B 233 -20.28 -31.28 4.97
CA GLU B 233 -21.40 -32.10 4.47
C GLU B 233 -22.08 -32.68 5.70
N THR B 234 -21.75 -32.04 6.80
CA THR B 234 -22.25 -32.37 8.14
C THR B 234 -23.49 -31.53 8.46
N THR B 235 -23.97 -31.98 9.62
CA THR B 235 -25.09 -31.40 10.39
C THR B 235 -24.68 -29.95 10.75
N SER B 236 -25.52 -29.01 10.36
CA SER B 236 -25.24 -27.58 10.68
C SER B 236 -25.43 -27.23 12.17
N SER B 237 -25.32 -28.31 12.92
CA SER B 237 -25.34 -28.50 14.39
C SER B 237 -23.83 -28.35 14.74
N ASN B 238 -23.04 -28.64 13.69
CA ASN B 238 -21.58 -28.51 13.76
C ASN B 238 -21.31 -27.04 13.38
N ILE B 239 -20.91 -26.41 14.48
CA ILE B 239 -20.55 -24.97 14.41
C ILE B 239 -19.02 -24.90 14.49
N VAL B 240 -18.45 -24.07 13.61
CA VAL B 240 -16.98 -23.97 13.62
C VAL B 240 -16.68 -22.50 13.90
N PRO B 241 -16.46 -22.28 15.20
CA PRO B 241 -16.07 -20.96 15.69
C PRO B 241 -14.69 -20.62 15.09
N ILE B 242 -14.22 -19.45 15.37
CA ILE B 242 -13.08 -18.64 15.17
C ILE B 242 -12.92 -17.82 16.47
N THR B 243 -11.79 -18.09 17.08
CA THR B 243 -11.35 -17.50 18.36
C THR B 243 -10.01 -16.79 18.19
N VAL B 244 -9.97 -15.56 18.67
CA VAL B 244 -8.78 -14.74 18.66
C VAL B 244 -8.19 -14.55 20.08
N SER B 245 -6.89 -14.68 20.20
CA SER B 245 -6.23 -14.48 21.51
C SER B 245 -5.11 -13.46 21.30
N ILE B 246 -5.00 -12.53 22.23
CA ILE B 246 -3.94 -11.53 22.08
C ILE B 246 -3.10 -11.26 23.32
N SER B 247 -1.86 -10.88 23.06
CA SER B 247 -0.87 -10.58 24.08
C SER B 247 -0.04 -9.33 23.85
N PRO B 248 -0.37 -8.34 24.69
CA PRO B 248 0.43 -7.09 24.61
C PRO B 248 1.79 -7.75 24.93
N MET B 249 2.81 -7.14 24.39
CA MET B 249 4.22 -7.54 24.59
C MET B 249 4.98 -6.23 24.80
N CYS B 250 5.93 -6.23 25.71
CA CYS B 250 6.71 -4.98 25.90
C CYS B 250 5.89 -3.70 26.06
N ALA B 251 4.78 -3.96 26.74
CA ALA B 251 3.88 -2.81 27.00
C ALA B 251 4.75 -1.85 27.85
N GLU B 252 4.50 -0.58 27.68
CA GLU B 252 5.17 0.55 28.34
C GLU B 252 4.12 1.64 28.36
N PHE B 253 3.96 2.33 29.42
CA PHE B 253 2.99 3.40 29.63
C PHE B 253 3.66 4.57 30.33
N SER B 254 2.96 5.69 30.34
CA SER B 254 3.48 6.92 30.97
C SER B 254 2.54 8.11 30.72
N GLY B 255 2.64 9.08 31.61
CA GLY B 255 1.76 10.27 31.50
C GLY B 255 0.48 9.85 32.30
N ALA B 256 0.82 9.58 33.55
CA ALA B 256 -0.04 9.16 34.65
C ALA B 256 -0.94 10.31 35.06
N ARG B 257 -2.10 10.00 35.62
CA ARG B 257 -3.01 11.09 36.01
C ARG B 257 -4.35 10.52 36.42
N ALA B 258 -5.35 11.39 36.45
CA ALA B 258 -6.71 10.98 36.80
C ALA B 258 -7.06 9.63 36.19
N LYS B 259 -7.88 9.54 35.18
CA LYS B 259 -8.38 8.36 34.48
C LYS B 259 -9.41 8.89 33.48
N ASN B 260 -9.30 8.34 32.27
CA ASN B 260 -10.23 8.74 31.20
C ASN B 260 -11.55 8.12 31.66
N ILE B 261 -12.35 7.90 30.65
CA ILE B 261 -13.71 7.35 30.83
C ILE B 261 -14.13 6.40 29.70
N LYS B 262 -14.91 5.44 30.20
CA LYS B 262 -15.41 4.39 29.27
C LYS B 262 -16.46 5.01 28.33
N GLN B 263 -16.56 4.33 27.18
CA GLN B 263 -17.45 4.82 26.10
C GLN B 263 -17.87 3.67 25.19
N GLY C 1 33.44 40.06 -15.35
CA GLY C 1 33.85 38.79 -14.76
C GLY C 1 33.96 37.64 -15.75
N LEU C 2 33.72 36.44 -15.25
CA LEU C 2 33.80 35.26 -16.09
C LEU C 2 32.95 35.33 -17.35
N PRO C 3 33.64 35.50 -18.45
CA PRO C 3 33.00 35.55 -19.80
C PRO C 3 32.29 34.18 -19.87
N VAL C 4 30.96 34.26 -19.84
CA VAL C 4 30.15 33.05 -19.86
C VAL C 4 29.21 33.06 -21.03
N TYR C 5 28.79 31.88 -21.40
CA TYR C 5 27.87 31.68 -22.53
C TYR C 5 26.74 30.86 -21.93
N ILE C 6 25.51 31.31 -22.04
CA ILE C 6 24.26 30.73 -21.54
C ILE C 6 23.78 29.78 -22.62
N THR C 7 23.69 28.56 -22.18
CA THR C 7 23.33 27.48 -23.04
C THR C 7 21.86 27.21 -23.19
N PRO C 8 21.56 26.76 -24.40
CA PRO C 8 20.22 26.33 -24.81
C PRO C 8 19.80 25.18 -23.89
N GLY C 9 18.82 25.44 -23.09
CA GLY C 9 18.10 24.66 -22.12
C GLY C 9 17.86 25.45 -20.84
N SER C 10 18.63 26.50 -20.84
CA SER C 10 18.79 27.50 -19.79
C SER C 10 17.46 28.17 -19.52
N GLY C 11 17.15 28.21 -18.23
CA GLY C 11 15.90 28.86 -17.81
C GLY C 11 14.72 27.91 -17.90
N GLN C 12 14.89 26.78 -18.53
CA GLN C 12 13.73 25.87 -18.64
C GLN C 12 13.43 25.29 -17.27
N PHE C 13 12.49 24.40 -17.21
CA PHE C 13 11.97 23.64 -16.09
C PHE C 13 11.57 22.23 -16.58
N MET C 14 12.08 21.27 -15.87
CA MET C 14 11.87 19.86 -16.11
C MET C 14 11.43 19.18 -14.84
N THR C 15 10.36 18.45 -15.04
CA THR C 15 9.73 17.73 -13.89
C THR C 15 10.65 16.60 -13.50
N THR C 16 11.79 16.53 -14.22
CA THR C 16 12.74 15.41 -13.99
C THR C 16 14.18 15.82 -13.85
N ASP C 17 14.43 16.85 -13.05
CA ASP C 17 15.86 17.28 -12.98
C ASP C 17 16.41 17.39 -11.58
N ASP C 18 17.72 17.11 -11.60
CA ASP C 18 18.42 17.16 -10.30
C ASP C 18 19.20 18.47 -10.23
N MET C 19 18.69 19.39 -9.45
CA MET C 19 19.22 20.71 -9.12
C MET C 19 18.80 21.13 -7.70
N GLN C 20 19.68 21.94 -7.15
CA GLN C 20 19.55 22.50 -5.80
C GLN C 20 18.73 23.80 -5.85
N SER C 21 18.13 24.13 -4.85
CA SER C 21 17.31 25.33 -4.65
C SER C 21 17.48 25.82 -3.21
N PRO C 22 17.51 27.13 -2.97
CA PRO C 22 17.71 27.64 -1.64
C PRO C 22 16.66 27.14 -0.70
N CYS C 23 17.11 26.89 0.52
CA CYS C 23 16.21 26.44 1.59
C CYS C 23 15.14 27.50 1.66
N ALA C 24 14.43 27.48 2.71
CA ALA C 24 13.37 28.43 2.87
C ALA C 24 13.31 28.88 4.27
N LEU C 25 13.80 28.06 5.10
CA LEU C 25 13.86 28.39 6.47
C LEU C 25 15.09 27.69 7.01
N PRO C 26 16.14 28.51 6.97
CA PRO C 26 17.46 28.15 7.35
C PRO C 26 17.54 27.73 8.76
N TRP C 27 18.56 26.95 9.02
CA TRP C 27 18.86 26.45 10.34
C TRP C 27 17.73 25.63 10.93
N TYR C 28 16.96 24.94 10.12
CA TYR C 28 15.87 24.13 10.67
C TYR C 28 16.33 22.70 10.86
N HIS C 29 16.49 22.41 12.11
CA HIS C 29 16.88 21.10 12.52
C HIS C 29 15.62 20.26 12.62
N PRO C 30 15.30 19.51 11.56
CA PRO C 30 14.11 18.68 11.54
C PRO C 30 14.15 17.68 12.66
N THR C 31 12.88 17.36 12.99
CA THR C 31 12.59 16.34 14.00
C THR C 31 13.52 15.17 13.66
N LYS C 32 14.02 14.63 14.75
CA LYS C 32 14.98 13.51 14.57
C LYS C 32 14.21 12.41 13.86
N GLU C 33 14.93 11.45 13.35
CA GLU C 33 14.21 10.36 12.65
C GLU C 33 14.24 9.11 13.45
N ILE C 34 13.24 8.84 14.25
CA ILE C 34 13.26 7.63 15.07
C ILE C 34 13.19 6.43 14.12
N SER C 35 13.49 5.37 14.81
CA SER C 35 13.54 3.99 14.27
C SER C 35 12.14 3.51 13.95
N ILE C 36 11.83 2.92 12.80
CA ILE C 36 10.54 2.42 12.40
C ILE C 36 10.70 1.10 11.60
N PRO C 37 10.09 0.08 12.18
CA PRO C 37 10.12 -1.27 11.65
C PRO C 37 9.36 -1.33 10.34
N GLY C 38 10.21 -1.64 9.37
CA GLY C 38 9.85 -1.87 7.98
C GLY C 38 9.85 -0.58 7.22
N GLU C 39 10.87 -0.41 6.42
CA GLU C 39 11.13 0.72 5.53
C GLU C 39 11.54 0.02 4.22
N VAL C 40 11.11 0.55 3.10
CA VAL C 40 11.41 0.07 1.76
C VAL C 40 12.53 0.96 1.24
N LYS C 41 13.13 0.44 0.21
CA LYS C 41 14.23 1.13 -0.50
C LYS C 41 14.18 0.90 -2.02
N ASN C 42 13.36 -0.06 -2.38
CA ASN C 42 13.19 -0.48 -3.75
C ASN C 42 11.86 -1.18 -4.07
N LEU C 43 11.25 -0.58 -5.09
CA LEU C 43 9.97 -1.11 -5.54
C LEU C 43 10.08 -2.60 -5.58
N ILE C 44 11.19 -3.02 -6.12
CA ILE C 44 11.44 -4.46 -6.29
C ILE C 44 10.86 -5.27 -5.15
N GLU C 45 11.27 -4.97 -3.96
CA GLU C 45 10.82 -5.65 -2.76
C GLU C 45 9.34 -5.97 -2.82
N MET C 46 8.51 -5.01 -3.11
CA MET C 46 7.06 -5.09 -3.22
C MET C 46 6.54 -5.98 -4.33
N CYS C 47 7.42 -6.06 -5.29
CA CYS C 47 7.27 -6.82 -6.52
C CYS C 47 7.60 -8.29 -6.30
N GLN C 48 8.30 -8.53 -5.22
CA GLN C 48 8.65 -9.95 -4.95
C GLN C 48 7.68 -10.63 -3.99
N VAL C 49 6.70 -9.90 -3.54
CA VAL C 49 5.71 -10.41 -2.61
C VAL C 49 4.50 -10.76 -3.44
N ASP C 50 4.08 -11.98 -3.31
CA ASP C 50 2.91 -12.45 -4.03
C ASP C 50 1.63 -11.93 -3.37
N THR C 51 0.97 -11.28 -4.30
CA THR C 51 -0.34 -10.63 -4.23
C THR C 51 -1.25 -11.62 -4.98
N LEU C 52 -2.51 -11.70 -4.63
CA LEU C 52 -3.56 -12.55 -5.21
C LEU C 52 -4.10 -12.06 -6.57
N ILE C 53 -4.46 -13.06 -7.37
CA ILE C 53 -4.96 -12.80 -8.70
C ILE C 53 -6.43 -13.02 -8.99
N PRO C 54 -7.03 -11.92 -9.45
CA PRO C 54 -8.46 -11.91 -9.87
C PRO C 54 -8.47 -12.81 -11.09
N VAL C 55 -9.19 -13.89 -11.25
CA VAL C 55 -8.92 -14.63 -12.53
C VAL C 55 -10.30 -15.05 -12.97
N ASN C 56 -11.08 -15.20 -11.90
CA ASN C 56 -12.49 -15.55 -12.12
C ASN C 56 -13.14 -14.21 -12.52
N ASN C 57 -12.48 -13.56 -13.41
CA ASN C 57 -12.54 -12.37 -14.20
C ASN C 57 -13.84 -12.32 -15.00
N VAL C 58 -14.83 -12.99 -14.41
CA VAL C 58 -16.16 -13.22 -14.95
C VAL C 58 -17.40 -12.61 -14.31
N GLY C 59 -18.08 -11.93 -15.21
CA GLY C 59 -19.31 -11.16 -15.09
C GLY C 59 -19.68 -10.65 -13.71
N ASN C 60 -20.68 -11.25 -13.12
CA ASN C 60 -21.20 -10.87 -11.78
C ASN C 60 -20.20 -11.07 -10.64
N ASN C 61 -19.35 -12.04 -10.87
CA ASN C 61 -18.28 -12.42 -9.93
C ASN C 61 -17.32 -11.31 -9.53
N VAL C 62 -16.89 -10.66 -10.58
CA VAL C 62 -15.98 -9.55 -10.67
C VAL C 62 -16.17 -8.52 -9.58
N GLY C 63 -17.31 -7.90 -9.37
CA GLY C 63 -17.28 -6.91 -8.26
C GLY C 63 -17.19 -7.47 -6.84
N ASN C 64 -17.23 -8.77 -6.68
CA ASN C 64 -17.20 -9.49 -5.42
C ASN C 64 -15.83 -10.02 -5.04
N VAL C 65 -15.67 -11.05 -4.24
CA VAL C 65 -14.37 -11.58 -3.84
C VAL C 65 -14.08 -12.80 -4.70
N SER C 66 -15.01 -13.67 -4.80
CA SER C 66 -14.98 -14.89 -5.62
C SER C 66 -14.04 -14.75 -6.83
N MET C 67 -14.06 -13.56 -7.33
CA MET C 67 -13.31 -12.97 -8.42
C MET C 67 -11.84 -13.35 -8.30
N TYR C 68 -11.48 -14.06 -7.22
CA TYR C 68 -10.20 -14.54 -6.73
C TYR C 68 -9.94 -16.02 -6.58
N THR C 69 -11.05 -16.73 -6.50
CA THR C 69 -11.04 -18.19 -6.36
C THR C 69 -11.32 -18.77 -7.72
N VAL C 70 -11.00 -20.02 -7.94
CA VAL C 70 -11.13 -20.75 -9.19
C VAL C 70 -11.61 -22.11 -8.67
N GLN C 71 -12.88 -22.42 -8.88
CA GLN C 71 -13.24 -23.76 -8.34
C GLN C 71 -12.94 -24.85 -9.38
N LEU C 72 -12.29 -25.81 -8.75
CA LEU C 72 -11.88 -27.05 -9.41
C LEU C 72 -13.15 -27.91 -9.07
N GLY C 73 -13.68 -28.30 -10.20
CA GLY C 73 -14.89 -29.04 -10.39
C GLY C 73 -14.85 -30.54 -10.56
N ASN C 74 -15.98 -30.91 -11.16
CA ASN C 74 -16.39 -32.30 -11.49
C ASN C 74 -15.45 -32.88 -12.55
N GLN C 75 -15.86 -32.53 -13.75
CA GLN C 75 -15.25 -32.93 -15.02
C GLN C 75 -15.53 -34.41 -15.35
N THR C 76 -16.67 -34.56 -16.07
CA THR C 76 -17.25 -35.84 -16.60
C THR C 76 -16.22 -36.44 -17.63
N GLY C 77 -15.85 -35.38 -18.44
CA GLY C 77 -14.80 -35.70 -19.43
C GLY C 77 -13.51 -35.86 -18.58
N MET C 78 -12.46 -36.05 -19.34
CA MET C 78 -11.12 -36.23 -18.74
C MET C 78 -10.19 -35.39 -19.61
N ALA C 79 -9.06 -35.11 -18.97
CA ALA C 79 -8.01 -34.32 -19.63
C ALA C 79 -8.55 -32.94 -20.03
N GLN C 80 -9.65 -32.61 -19.35
CA GLN C 80 -10.22 -31.29 -19.66
C GLN C 80 -9.39 -30.12 -19.13
N LYS C 81 -9.68 -28.93 -19.62
CA LYS C 81 -9.05 -27.68 -19.21
C LYS C 81 -9.71 -26.85 -18.13
N VAL C 82 -8.89 -26.19 -17.30
CA VAL C 82 -9.34 -25.30 -16.22
C VAL C 82 -9.43 -23.85 -16.72
N PHE C 83 -8.37 -23.10 -16.59
CA PHE C 83 -8.38 -21.73 -17.10
C PHE C 83 -7.07 -21.43 -17.84
N SER C 84 -7.07 -20.16 -18.20
CA SER C 84 -5.97 -19.50 -18.89
C SER C 84 -6.08 -18.01 -18.64
N ILE C 85 -4.95 -17.36 -18.75
CA ILE C 85 -4.70 -15.92 -18.64
C ILE C 85 -3.46 -15.73 -19.52
N LYS C 86 -3.24 -14.49 -19.87
CA LYS C 86 -2.02 -14.23 -20.69
C LYS C 86 -1.05 -13.47 -19.77
N VAL C 87 0.20 -13.75 -20.03
CA VAL C 87 1.34 -13.26 -19.28
C VAL C 87 1.69 -11.81 -19.27
N ASP C 88 1.23 -11.13 -20.26
CA ASP C 88 1.54 -9.68 -20.46
C ASP C 88 1.11 -8.95 -19.20
N ILE C 89 1.92 -8.99 -18.16
CA ILE C 89 1.70 -8.40 -16.86
C ILE C 89 0.95 -7.08 -16.72
N THR C 90 0.28 -6.51 -17.67
CA THR C 90 -0.45 -5.25 -17.61
C THR C 90 -1.82 -5.65 -18.23
N SER C 91 -2.20 -6.89 -18.06
CA SER C 91 -3.46 -7.34 -18.68
C SER C 91 -4.40 -8.10 -17.78
N THR C 92 -5.43 -7.31 -17.45
CA THR C 92 -6.54 -7.78 -16.55
C THR C 92 -6.60 -9.22 -17.07
N PRO C 93 -6.64 -10.22 -16.21
CA PRO C 93 -6.72 -10.16 -14.76
C PRO C 93 -5.44 -9.68 -14.11
N LEU C 94 -4.26 -9.99 -14.62
CA LEU C 94 -2.97 -9.52 -14.09
C LEU C 94 -3.03 -8.03 -13.82
N ALA C 95 -2.56 -7.04 -14.47
CA ALA C 95 -2.77 -5.61 -14.09
C ALA C 95 -3.20 -5.39 -12.68
N THR C 96 -4.27 -4.86 -12.16
CA THR C 96 -4.57 -4.73 -10.72
C THR C 96 -3.67 -5.32 -9.63
N THR C 97 -2.97 -6.41 -9.75
CA THR C 97 -2.03 -7.09 -8.88
C THR C 97 -0.91 -6.12 -8.44
N LEU C 98 -0.45 -6.24 -7.20
CA LEU C 98 0.60 -5.35 -6.69
C LEU C 98 1.68 -5.13 -7.74
N ILE C 99 1.96 -6.15 -8.51
CA ILE C 99 2.96 -6.10 -9.55
C ILE C 99 2.49 -5.24 -10.73
N GLY C 100 1.40 -5.70 -11.28
CA GLY C 100 0.76 -5.10 -12.43
C GLY C 100 0.54 -3.60 -12.25
N GLU C 101 -0.13 -3.34 -11.13
CA GLU C 101 -0.49 -2.00 -10.67
C GLU C 101 0.71 -1.04 -10.78
N ILE C 102 1.85 -1.68 -10.56
CA ILE C 102 3.15 -1.08 -10.57
C ILE C 102 3.77 -0.90 -11.94
N ALA C 103 4.02 -2.05 -12.49
CA ALA C 103 4.65 -2.18 -13.82
C ALA C 103 4.11 -1.08 -14.74
N SER C 104 2.85 -0.74 -14.53
CA SER C 104 2.05 0.27 -15.19
C SER C 104 2.54 1.66 -14.79
N TYR C 105 3.72 1.73 -14.26
CA TYR C 105 4.32 2.99 -13.82
C TYR C 105 5.62 3.15 -14.60
N TYR C 106 5.95 2.11 -15.32
CA TYR C 106 7.14 2.02 -16.16
C TYR C 106 6.79 1.57 -17.55
N THR C 107 7.58 1.88 -18.51
CA THR C 107 7.35 1.55 -19.91
C THR C 107 7.87 0.20 -20.28
N HIS C 108 8.92 -0.25 -19.62
CA HIS C 108 9.48 -1.56 -19.94
C HIS C 108 9.72 -2.49 -18.76
N TRP C 109 9.51 -3.78 -18.96
CA TRP C 109 9.67 -4.87 -18.00
C TRP C 109 10.55 -6.00 -18.50
N THR C 110 10.99 -6.81 -17.58
CA THR C 110 11.84 -7.96 -17.90
C THR C 110 12.15 -8.89 -16.72
N GLY C 111 12.53 -10.07 -17.16
CA GLY C 111 12.86 -11.19 -16.32
C GLY C 111 11.77 -12.25 -16.26
N SER C 112 12.06 -13.18 -15.35
CA SER C 112 11.16 -14.32 -15.10
C SER C 112 10.11 -13.81 -14.14
N LEU C 113 9.09 -14.59 -13.92
CA LEU C 113 7.94 -14.43 -13.09
C LEU C 113 7.46 -15.78 -12.54
N ARG C 114 6.90 -15.58 -11.38
CA ARG C 114 6.36 -16.64 -10.59
C ARG C 114 4.91 -16.76 -10.27
N PHE C 115 4.35 -17.87 -10.72
CA PHE C 115 2.93 -18.07 -10.40
C PHE C 115 2.84 -19.18 -9.37
N SER C 116 2.08 -18.87 -8.35
CA SER C 116 1.87 -19.85 -7.26
C SER C 116 0.38 -20.16 -7.13
N PHE C 117 0.05 -21.41 -6.88
CA PHE C 117 -1.34 -21.82 -6.70
C PHE C 117 -1.41 -22.58 -5.38
N MET C 118 -2.52 -22.49 -4.70
CA MET C 118 -2.86 -23.09 -3.41
C MET C 118 -4.24 -23.76 -3.44
N PHE C 119 -4.27 -24.91 -2.78
CA PHE C 119 -5.48 -25.72 -2.72
C PHE C 119 -6.31 -25.44 -1.48
N CYS C 120 -7.38 -24.70 -1.62
CA CYS C 120 -8.32 -24.45 -0.51
C CYS C 120 -9.34 -25.60 -0.48
N GLY C 121 -8.95 -26.75 -0.99
CA GLY C 121 -9.74 -27.98 -1.05
C GLY C 121 -9.95 -28.45 0.39
N THR C 122 -9.89 -29.77 0.55
CA THR C 122 -10.03 -30.49 1.82
C THR C 122 -8.70 -31.20 2.07
N ALA C 123 -8.75 -31.97 3.12
CA ALA C 123 -7.55 -32.73 3.49
C ALA C 123 -7.67 -34.05 2.75
N ASN C 124 -8.71 -34.81 3.00
CA ASN C 124 -9.00 -36.11 2.40
C ASN C 124 -9.14 -36.02 0.88
N THR C 125 -9.30 -34.80 0.38
CA THR C 125 -9.40 -34.60 -1.06
C THR C 125 -8.10 -34.79 -1.82
N THR C 126 -8.13 -35.08 -3.10
CA THR C 126 -6.95 -35.27 -3.92
C THR C 126 -7.17 -34.79 -5.36
N LEU C 127 -6.08 -34.41 -5.97
CA LEU C 127 -6.07 -33.95 -7.34
C LEU C 127 -4.64 -33.81 -7.86
N LYS C 128 -4.60 -33.63 -9.15
CA LYS C 128 -3.43 -33.41 -9.95
C LYS C 128 -3.71 -32.59 -11.22
N LEU C 129 -3.34 -31.33 -11.17
CA LEU C 129 -3.45 -30.41 -12.30
C LEU C 129 -2.09 -30.34 -13.00
N LEU C 130 -2.12 -29.92 -14.23
CA LEU C 130 -0.99 -29.66 -15.13
C LEU C 130 -1.11 -28.16 -15.52
N LEU C 131 -0.11 -27.37 -15.19
CA LEU C 131 -0.06 -25.95 -15.50
C LEU C 131 0.99 -25.80 -16.59
N ALA C 132 0.73 -24.84 -17.45
CA ALA C 132 1.68 -24.62 -18.53
C ALA C 132 1.79 -23.19 -19.01
N TYR C 133 3.04 -22.96 -19.37
CA TYR C 133 3.48 -21.68 -19.94
C TYR C 133 3.76 -21.96 -21.43
N THR C 134 2.95 -21.33 -22.24
CA THR C 134 3.02 -21.36 -23.70
C THR C 134 3.62 -20.00 -24.13
N PRO C 135 4.92 -20.08 -24.43
CA PRO C 135 5.66 -18.92 -24.89
C PRO C 135 4.96 -18.30 -26.11
N PRO C 136 5.44 -17.07 -26.29
CA PRO C 136 4.95 -16.24 -27.38
C PRO C 136 5.30 -16.95 -28.68
N GLY C 137 4.46 -16.92 -29.70
CA GLY C 137 4.77 -17.55 -30.98
C GLY C 137 3.46 -17.97 -31.61
N ILE C 138 2.65 -18.67 -30.86
CA ILE C 138 1.35 -19.14 -31.34
C ILE C 138 0.18 -18.72 -30.49
N ASP C 139 -0.92 -19.42 -30.69
CA ASP C 139 -2.20 -19.22 -30.03
C ASP C 139 -2.34 -20.03 -28.74
N GLU C 140 -3.08 -19.40 -27.82
CA GLU C 140 -3.31 -20.10 -26.53
C GLU C 140 -3.94 -21.43 -26.96
N PRO C 141 -3.34 -22.49 -26.46
CA PRO C 141 -3.73 -23.86 -26.77
C PRO C 141 -5.12 -24.23 -26.30
N THR C 142 -5.75 -24.80 -27.31
CA THR C 142 -7.11 -25.35 -27.37
C THR C 142 -7.14 -26.67 -26.64
N THR C 143 -6.09 -27.45 -26.67
CA THR C 143 -5.90 -28.74 -26.06
C THR C 143 -4.70 -28.90 -25.13
N ARG C 144 -4.72 -29.86 -24.20
CA ARG C 144 -3.63 -30.08 -23.25
C ARG C 144 -2.38 -30.58 -23.94
N LYS C 145 -2.45 -31.73 -24.58
CA LYS C 145 -1.31 -32.26 -25.34
C LYS C 145 -0.68 -31.00 -25.94
N ASP C 146 -1.28 -30.35 -26.92
CA ASP C 146 -0.64 -29.16 -27.49
C ASP C 146 0.05 -28.23 -26.48
N ALA C 147 -0.57 -27.98 -25.38
CA ALA C 147 0.10 -27.09 -24.43
C ALA C 147 1.23 -27.77 -23.68
N MET C 148 1.20 -29.02 -23.30
CA MET C 148 2.16 -29.83 -22.53
C MET C 148 3.51 -29.92 -23.20
N LEU C 149 3.43 -29.72 -24.50
CA LEU C 149 4.56 -29.68 -25.40
C LEU C 149 5.56 -28.61 -25.01
N GLY C 150 5.16 -27.51 -24.43
CA GLY C 150 6.11 -26.45 -24.04
C GLY C 150 6.29 -26.58 -22.52
N THR C 151 6.75 -25.47 -21.98
CA THR C 151 7.03 -25.29 -20.56
C THR C 151 5.85 -25.58 -19.63
N HIS C 152 6.05 -26.45 -18.68
CA HIS C 152 5.00 -26.78 -17.74
C HIS C 152 5.52 -27.44 -16.47
N VAL C 153 4.53 -27.63 -15.63
CA VAL C 153 4.71 -28.25 -14.31
C VAL C 153 3.51 -29.07 -13.90
N VAL C 154 3.66 -30.34 -13.66
CA VAL C 154 2.57 -31.21 -13.20
C VAL C 154 2.49 -30.85 -11.70
N TRP C 155 1.33 -30.76 -11.13
CA TRP C 155 1.20 -30.37 -9.72
C TRP C 155 0.50 -31.46 -8.96
N ASP C 156 1.12 -32.06 -8.00
CA ASP C 156 0.51 -33.10 -7.17
C ASP C 156 0.06 -32.45 -5.86
N VAL C 157 -1.26 -32.44 -5.79
CA VAL C 157 -1.94 -31.90 -4.61
C VAL C 157 -1.72 -32.95 -3.52
N GLY C 158 -1.27 -32.37 -2.42
CA GLY C 158 -1.00 -33.32 -1.32
C GLY C 158 -0.77 -32.48 -0.07
N LEU C 159 -0.20 -33.19 0.90
CA LEU C 159 0.16 -32.56 2.17
C LEU C 159 0.80 -31.18 2.04
N GLN C 160 1.33 -30.92 0.85
CA GLN C 160 1.94 -29.61 0.70
C GLN C 160 0.84 -28.57 0.49
N SER C 161 0.44 -28.45 -0.79
CA SER C 161 -0.64 -27.46 -0.96
C SER C 161 -0.27 -26.31 -1.89
N THR C 162 1.00 -26.03 -1.98
CA THR C 162 1.26 -24.87 -2.90
C THR C 162 2.27 -25.33 -3.90
N ILE C 163 1.96 -25.07 -5.15
CA ILE C 163 2.87 -25.42 -6.25
C ILE C 163 3.08 -24.00 -6.81
N SER C 164 4.32 -23.83 -7.17
CA SER C 164 4.80 -22.56 -7.73
C SER C 164 5.36 -22.91 -9.10
N LEU C 165 4.83 -22.23 -10.09
CA LEU C 165 5.18 -22.39 -11.49
C LEU C 165 6.04 -21.21 -11.95
N VAL C 166 7.21 -21.55 -12.51
CA VAL C 166 8.02 -20.39 -12.97
C VAL C 166 7.76 -20.16 -14.46
N VAL C 167 7.82 -18.92 -14.85
CA VAL C 167 7.66 -18.39 -16.18
C VAL C 167 9.04 -17.81 -16.58
N PRO C 168 9.82 -18.67 -17.20
CA PRO C 168 11.15 -18.34 -17.69
C PRO C 168 10.99 -17.09 -18.56
N TRP C 169 12.15 -16.55 -18.86
CA TRP C 169 12.03 -15.37 -19.70
C TRP C 169 12.42 -15.80 -21.10
N VAL C 170 11.42 -15.74 -21.97
CA VAL C 170 11.70 -16.07 -23.37
C VAL C 170 11.28 -14.85 -24.17
N SER C 171 12.23 -14.33 -24.89
CA SER C 171 12.01 -13.12 -25.67
C SER C 171 13.15 -12.91 -26.64
N ALA C 172 12.93 -12.02 -27.59
CA ALA C 172 14.01 -11.76 -28.56
C ALA C 172 14.73 -10.58 -27.96
N SER C 173 14.02 -9.52 -27.71
CA SER C 173 14.48 -8.23 -27.19
C SER C 173 14.82 -8.27 -25.74
N HIS C 174 16.07 -8.06 -25.31
CA HIS C 174 16.31 -8.19 -23.82
C HIS C 174 15.15 -7.67 -23.02
N PHE C 175 14.45 -6.79 -23.60
CA PHE C 175 13.41 -6.14 -22.89
C PHE C 175 12.08 -6.11 -23.62
N ARG C 176 11.04 -6.13 -22.81
CA ARG C 176 9.63 -6.06 -23.26
C ARG C 176 8.96 -4.80 -22.77
N LEU C 177 7.97 -4.42 -23.49
CA LEU C 177 7.19 -3.22 -23.22
C LEU C 177 6.09 -3.55 -22.24
N THR C 178 5.78 -2.60 -21.39
CA THR C 178 4.70 -2.88 -20.43
C THR C 178 3.32 -2.69 -21.08
N ALA C 179 3.33 -1.83 -22.07
CA ALA C 179 2.13 -1.45 -22.82
C ALA C 179 1.77 -2.53 -23.83
N ASP C 180 0.49 -2.81 -24.02
CA ASP C 180 -0.04 -3.78 -24.99
C ASP C 180 0.70 -3.57 -26.31
N ASN C 181 1.28 -4.68 -26.75
CA ASN C 181 2.08 -4.65 -27.99
C ASN C 181 2.21 -6.10 -28.47
N LYS C 182 1.75 -6.17 -29.70
CA LYS C 182 1.70 -7.42 -30.48
C LYS C 182 3.10 -8.02 -30.48
N TYR C 183 4.08 -7.13 -30.67
CA TYR C 183 5.46 -7.64 -30.65
C TYR C 183 5.85 -8.30 -29.30
N SER C 184 5.98 -7.47 -28.30
CA SER C 184 6.34 -7.83 -26.93
C SER C 184 5.35 -8.76 -26.22
N MET C 185 4.60 -9.56 -26.92
CA MET C 185 3.60 -10.53 -26.46
C MET C 185 4.40 -11.58 -25.66
N ALA C 186 4.10 -11.66 -24.40
CA ALA C 186 4.77 -12.61 -23.50
C ALA C 186 4.22 -14.03 -23.58
N GLY C 187 2.99 -14.20 -24.04
CA GLY C 187 2.47 -15.58 -24.10
C GLY C 187 1.32 -15.80 -23.13
N TYR C 188 0.99 -17.06 -23.00
CA TYR C 188 -0.10 -17.58 -22.17
C TYR C 188 0.35 -18.67 -21.22
N ILE C 189 -0.41 -18.87 -20.18
CA ILE C 189 -0.26 -19.86 -19.12
C ILE C 189 -1.68 -20.40 -18.97
N THR C 190 -1.83 -21.67 -18.78
CA THR C 190 -3.13 -22.35 -18.69
C THR C 190 -3.06 -23.50 -17.70
N CYS C 191 -4.20 -24.03 -17.29
CA CYS C 191 -4.12 -25.11 -16.30
C CYS C 191 -5.06 -26.19 -16.70
N TRP C 192 -4.70 -27.43 -16.57
CA TRP C 192 -5.61 -28.53 -16.91
C TRP C 192 -5.55 -29.67 -15.91
N TYR C 193 -6.46 -30.60 -16.08
CA TYR C 193 -6.47 -31.73 -15.13
C TYR C 193 -5.50 -32.75 -15.71
N GLN C 194 -4.78 -33.30 -14.72
CA GLN C 194 -3.82 -34.36 -15.07
C GLN C 194 -4.61 -35.65 -14.85
N THR C 195 -5.14 -35.75 -13.64
CA THR C 195 -6.02 -36.86 -13.22
C THR C 195 -7.41 -36.25 -12.97
N ASN C 196 -7.78 -36.24 -11.71
CA ASN C 196 -9.06 -35.65 -11.26
C ASN C 196 -8.92 -35.09 -9.85
N LEU C 197 -10.08 -34.95 -9.32
CA LEU C 197 -10.36 -34.45 -7.99
C LEU C 197 -11.18 -35.58 -7.43
N VAL C 198 -10.55 -36.40 -6.61
CA VAL C 198 -11.25 -37.55 -6.04
C VAL C 198 -11.49 -37.28 -4.58
N VAL C 199 -12.67 -37.63 -4.14
CA VAL C 199 -12.91 -37.30 -2.73
C VAL C 199 -13.68 -38.50 -2.26
N PRO C 200 -13.24 -38.89 -1.11
CA PRO C 200 -13.90 -40.03 -0.47
C PRO C 200 -15.14 -39.37 0.15
N PRO C 201 -16.06 -40.27 0.37
CA PRO C 201 -17.33 -39.99 0.97
C PRO C 201 -17.70 -38.81 1.81
N SER C 202 -18.66 -38.08 1.24
CA SER C 202 -19.14 -37.01 2.15
C SER C 202 -18.14 -35.91 2.44
N THR C 203 -17.68 -35.53 1.27
CA THR C 203 -16.72 -34.44 1.19
C THR C 203 -17.31 -33.72 -0.01
N PRO C 204 -17.19 -32.43 -0.06
CA PRO C 204 -17.73 -31.70 -1.22
C PRO C 204 -16.93 -32.13 -2.44
N GLN C 205 -17.46 -31.92 -3.65
CA GLN C 205 -16.79 -32.32 -4.89
C GLN C 205 -16.29 -31.19 -5.82
N THR C 206 -16.44 -30.01 -5.30
CA THR C 206 -15.93 -28.81 -5.97
C THR C 206 -15.14 -28.24 -4.76
N ALA C 207 -14.14 -27.49 -5.11
CA ALA C 207 -13.23 -26.87 -4.14
C ALA C 207 -12.47 -25.80 -4.98
N ASP C 208 -11.90 -24.94 -4.17
CA ASP C 208 -11.17 -23.83 -4.81
C ASP C 208 -9.68 -23.85 -4.69
N MET C 209 -9.11 -23.11 -5.60
CA MET C 209 -7.65 -22.94 -5.66
C MET C 209 -7.49 -21.41 -5.80
N LEU C 210 -6.58 -20.85 -5.02
CA LEU C 210 -6.29 -19.41 -5.07
C LEU C 210 -5.08 -19.23 -5.97
N CYS C 211 -4.95 -18.12 -6.70
CA CYS C 211 -3.66 -18.15 -7.41
C CYS C 211 -2.93 -16.83 -7.18
N PHE C 212 -1.60 -16.92 -7.23
CA PHE C 212 -0.78 -15.73 -7.02
C PHE C 212 0.42 -15.64 -7.97
N VAL C 213 0.92 -14.43 -7.96
CA VAL C 213 2.07 -13.97 -8.74
C VAL C 213 2.88 -12.89 -8.00
N SER C 214 4.14 -13.25 -7.77
CA SER C 214 5.27 -12.52 -7.17
C SER C 214 6.36 -12.49 -8.26
N ALA C 215 7.40 -11.72 -8.14
CA ALA C 215 8.46 -11.62 -9.15
C ALA C 215 9.55 -12.66 -8.92
N CYS C 216 10.59 -12.59 -9.72
CA CYS C 216 11.76 -13.52 -9.65
C CYS C 216 12.97 -12.61 -9.52
N LYS C 217 14.12 -13.02 -9.01
CA LYS C 217 15.26 -12.08 -8.89
C LYS C 217 15.82 -11.65 -10.23
N ASP C 218 15.19 -12.17 -11.21
CA ASP C 218 15.43 -11.94 -12.62
C ASP C 218 15.06 -10.51 -13.00
N PHE C 219 13.83 -10.27 -12.65
CA PHE C 219 12.95 -9.14 -12.74
C PHE C 219 13.66 -7.79 -12.59
N CYS C 220 13.04 -6.88 -13.31
CA CYS C 220 13.50 -5.50 -13.36
C CYS C 220 12.67 -4.77 -14.41
N LEU C 221 12.44 -3.52 -14.10
CA LEU C 221 11.71 -2.50 -14.81
C LEU C 221 12.51 -1.24 -15.06
N ARG C 222 11.93 -0.39 -15.88
CA ARG C 222 12.49 0.87 -16.33
C ARG C 222 11.57 1.75 -17.18
N MET C 223 12.06 2.96 -17.30
CA MET C 223 11.53 4.12 -18.02
C MET C 223 10.27 4.45 -17.24
N ALA C 224 10.37 5.20 -16.17
CA ALA C 224 9.14 5.50 -15.42
C ALA C 224 8.26 6.40 -16.30
N ARG C 225 6.98 6.14 -16.12
CA ARG C 225 5.85 6.79 -16.80
C ARG C 225 4.65 6.78 -15.88
N ASP C 226 3.67 7.58 -16.12
CA ASP C 226 2.44 7.69 -15.28
C ASP C 226 1.53 6.50 -15.56
N THR C 227 0.81 5.95 -14.63
CA THR C 227 -0.08 4.80 -14.81
C THR C 227 -1.29 4.88 -15.72
N ASP C 228 -1.72 3.68 -16.05
CA ASP C 228 -2.80 3.24 -16.87
C ASP C 228 -4.12 2.99 -16.12
N LEU C 229 -3.91 2.15 -15.16
CA LEU C 229 -4.91 1.60 -14.26
C LEU C 229 -5.52 2.61 -13.31
N HIS C 230 -5.55 3.89 -13.64
CA HIS C 230 -6.20 4.88 -12.76
C HIS C 230 -6.40 6.24 -13.37
N ILE C 231 -7.62 6.49 -13.77
CA ILE C 231 -8.10 7.75 -14.39
C ILE C 231 -8.90 8.54 -13.32
N GLN C 232 -8.33 9.71 -13.01
CA GLN C 232 -9.02 10.51 -12.01
C GLN C 232 -9.98 11.44 -12.77
N SER C 233 -11.08 10.75 -13.08
CA SER C 233 -12.19 11.51 -13.74
C SER C 233 -13.04 12.01 -12.56
N GLY C 234 -12.34 13.01 -12.05
CA GLY C 234 -12.71 13.82 -10.88
C GLY C 234 -12.86 15.20 -11.54
N PRO C 235 -12.38 16.17 -10.80
CA PRO C 235 -11.76 16.17 -9.50
C PRO C 235 -12.44 15.57 -8.27
N ILE C 236 -11.58 15.80 -7.30
CA ILE C 236 -11.41 15.61 -5.90
C ILE C 236 -11.82 16.87 -5.11
N GLU C 237 -12.74 16.58 -4.17
CA GLU C 237 -13.23 17.69 -3.34
C GLU C 237 -12.51 18.05 -2.04
N GLN C 238 -13.36 18.47 -1.13
CA GLN C 238 -12.99 18.88 0.22
C GLN C 238 -14.06 18.43 1.24
N TYR D 26 31.77 17.05 -11.90
CA TYR D 26 31.22 18.16 -11.05
C TYR D 26 30.16 17.64 -10.05
N PHE D 27 30.45 18.02 -8.78
CA PHE D 27 29.59 17.54 -7.65
C PHE D 27 30.16 17.67 -6.21
N ASN D 28 29.11 17.70 -5.38
CA ASN D 28 29.23 17.85 -3.93
C ASN D 28 29.44 19.37 -3.74
N ILE D 29 28.84 20.14 -4.64
CA ILE D 29 29.17 21.59 -4.37
C ILE D 29 27.84 22.12 -3.89
N ASN D 30 27.58 21.81 -2.63
CA ASN D 30 26.28 22.30 -2.08
C ASN D 30 26.45 23.80 -2.06
N TYR D 31 25.97 24.39 -3.14
CA TYR D 31 26.12 25.84 -3.19
C TYR D 31 25.35 26.43 -2.03
N PHE D 32 24.31 25.79 -1.52
CA PHE D 32 23.49 26.27 -0.39
C PHE D 32 23.77 25.50 0.91
N LYS D 33 23.81 26.31 1.94
CA LYS D 33 24.06 26.05 3.35
C LYS D 33 23.33 24.86 3.99
N ASP D 34 22.01 24.93 3.95
CA ASP D 34 21.04 23.96 4.49
C ASP D 34 21.16 22.63 3.79
N ALA D 35 20.67 21.61 4.45
CA ALA D 35 20.88 20.30 3.78
C ALA D 35 19.70 19.90 2.96
N ALA D 36 18.58 20.44 3.37
CA ALA D 36 17.28 20.23 2.74
C ALA D 36 17.31 20.64 1.26
N SER D 37 18.35 21.40 0.99
CA SER D 37 18.53 21.94 -0.35
C SER D 37 19.72 21.17 -0.84
N SER D 38 19.47 20.36 -1.81
CA SER D 38 20.65 19.59 -2.31
C SER D 38 20.03 18.76 -3.39
N GLY D 39 20.82 18.01 -4.09
CA GLY D 39 20.29 17.18 -5.16
C GLY D 39 19.65 15.96 -4.48
N ALA D 40 19.10 15.19 -5.39
CA ALA D 40 18.41 13.93 -5.11
C ALA D 40 19.59 13.23 -4.44
N SER D 41 19.20 12.50 -3.43
CA SER D 41 20.29 11.80 -2.71
C SER D 41 20.83 10.74 -3.69
N ARG D 42 21.77 10.01 -3.10
CA ARG D 42 22.58 8.94 -3.64
C ARG D 42 22.02 7.55 -3.53
N LEU D 43 22.84 6.49 -3.64
CA LEU D 43 22.03 5.24 -3.64
C LEU D 43 22.26 4.13 -2.65
N ASP D 44 23.55 3.75 -2.69
CA ASP D 44 23.91 2.63 -1.75
C ASP D 44 22.63 1.83 -1.35
C1 JEN E . 1.66 14.04 3.99
O2 JEN E . 2.93 14.41 3.48
C3 JEN E . 3.06 15.64 2.97
N4 JEN E . 3.52 16.61 3.72
N5 JEN E . 3.65 17.86 3.19
C6 JEN E . 3.32 18.09 1.92
C7 JEN E . 2.80 17.04 1.10
C8 JEN E . 2.68 15.81 1.63
N9 JEN E . 3.56 19.34 1.40
C10 JEN E . 4.57 19.48 0.35
C11 JEN E . 4.42 20.80 -0.36
N12 JEN E . 4.47 21.93 0.56
C13 JEN E . 3.52 21.76 1.67
C14 JEN E . 3.68 20.44 2.35
C15 JEN E . 4.57 23.22 0.03
C16 JEN E . 4.47 24.37 0.81
C17 JEN E . 4.52 25.65 0.28
C18 JEN E . 4.65 25.79 -1.08
C19 JEN E . 4.76 24.68 -1.88
C20 JEN E . 4.74 23.43 -1.34
C21 JEN E . 4.42 26.84 1.20
#